data_4RFB
#
_entry.id   4RFB
#
_cell.length_a   42.640
_cell.length_b   108.199
_cell.length_c   167.655
_cell.angle_alpha   90.00
_cell.angle_beta   90.00
_cell.angle_gamma   90.00
#
_symmetry.space_group_name_H-M   'P 21 21 21'
#
loop_
_entity.id
_entity.type
_entity.pdbx_description
1 polymer 'Putative uncharacterized protein'
2 branched 'N-acetyl-alpha-neuraminic acid-(2-3)-beta-D-galactopyranose-(1-4)-[alpha-L-fucopyranose-(1-3)]2-acetamido-2-deoxy-beta-D-glucopyranose'
3 non-polymer 'CHLORIDE ION'
4 non-polymer DI(HYDROXYETHYL)ETHER
5 non-polymer 'TRIETHYLENE GLYCOL'
6 non-polymer 1,2-ETHANEDIOL
7 water water
#
_entity_poly.entity_id   1
_entity_poly.type   'polypeptide(L)'
_entity_poly.pdbx_seq_one_letter_code
;MGSSHHHHHHENLYFQGAESTQGQHNYKSLKYYYSKPSIELKNLDGLYRQKVTDKGVYVWKDRKDYFVGLLGKDIEKYPQ
GEHDKQDAFLVIEEETVNGRQYSIGGLSKTNSKEFSKEVDVKVTRKIDESSEKSKDSKFKITKEEISLKELDFKLRKKLM
EEEKLYGAVNNRKGKIVVKMEDDKFYTFELTKKLQPHRMGDTIDGTKIKEINVELEYK
;
_entity_poly.pdbx_strand_id   A,B,C,D
#
loop_
_chem_comp.id
_chem_comp.type
_chem_comp.name
_chem_comp.formula
CL non-polymer 'CHLORIDE ION' 'Cl -1'
EDO non-polymer 1,2-ETHANEDIOL 'C2 H6 O2'
FUC L-saccharide, alpha linking alpha-L-fucopyranose 'C6 H12 O5'
GAL D-saccharide, beta linking beta-D-galactopyranose 'C6 H12 O6'
NAG D-saccharide, beta linking 2-acetamido-2-deoxy-beta-D-glucopyranose 'C8 H15 N O6'
PEG non-polymer DI(HYDROXYETHYL)ETHER 'C4 H10 O3'
PGE non-polymer 'TRIETHYLENE GLYCOL' 'C6 H14 O4'
SIA D-saccharide, alpha linking 'N-acetyl-alpha-neuraminic acid' 'C11 H19 N O9'
#
# COMPACT_ATOMS: atom_id res chain seq x y z
N HIS A 25 -0.76 19.78 7.33
CA HIS A 25 -0.88 20.89 6.33
C HIS A 25 -2.05 20.57 5.39
N ASN A 26 -2.77 21.60 4.95
CA ASN A 26 -3.96 21.36 4.14
C ASN A 26 -4.24 22.37 3.01
N TYR A 27 -5.51 22.73 2.81
CA TYR A 27 -5.95 23.50 1.64
C TYR A 27 -5.04 24.61 1.16
N LYS A 28 -4.61 25.46 2.07
CA LYS A 28 -3.78 26.58 1.71
C LYS A 28 -2.50 26.14 1.01
N SER A 29 -1.81 25.16 1.57
CA SER A 29 -0.56 24.67 0.97
C SER A 29 -0.80 23.95 -0.36
N LEU A 30 -1.84 23.14 -0.39
CA LEU A 30 -2.20 22.37 -1.59
C LEU A 30 -2.48 23.30 -2.76
N LYS A 31 -3.41 24.21 -2.56
CA LYS A 31 -3.77 25.14 -3.62
C LYS A 31 -2.53 25.88 -4.08
N TYR A 32 -1.64 26.21 -3.14
CA TYR A 32 -0.43 26.97 -3.45
C TYR A 32 0.59 26.22 -4.29
N TYR A 33 1.00 25.01 -3.87
CA TYR A 33 1.96 24.23 -4.64
C TYR A 33 1.39 23.84 -5.99
N TYR A 34 0.17 23.29 -5.98
CA TYR A 34 -0.38 22.75 -7.24
C TYR A 34 -0.80 23.81 -8.25
N SER A 35 -0.82 25.07 -7.83
CA SER A 35 -1.11 26.17 -8.73
C SER A 35 0.16 26.71 -9.39
N LYS A 36 1.32 26.23 -8.96
CA LYS A 36 2.58 26.70 -9.56
C LYS A 36 2.75 26.16 -10.96
N PRO A 37 3.49 26.89 -11.82
CA PRO A 37 3.78 26.31 -13.12
C PRO A 37 4.93 25.31 -12.93
N SER A 38 5.08 24.39 -13.86
CA SER A 38 6.20 23.47 -13.82
C SER A 38 7.07 23.86 -14.98
N ILE A 39 8.33 23.42 -14.93
CA ILE A 39 9.28 23.62 -16.01
C ILE A 39 9.76 22.25 -16.42
N GLU A 40 9.59 21.91 -17.69
CA GLU A 40 9.97 20.60 -18.18
C GLU A 40 11.20 20.77 -19.01
N LEU A 41 12.31 20.26 -18.50
CA LEU A 41 13.56 20.34 -19.22
C LEU A 41 13.97 18.95 -19.72
N LYS A 42 13.98 18.79 -21.03
CA LYS A 42 14.39 17.55 -21.60
C LYS A 42 15.81 17.68 -22.07
N ASN A 43 16.57 16.60 -21.98
CA ASN A 43 17.96 16.64 -22.44
C ASN A 43 18.73 17.79 -21.80
N LEU A 44 18.84 17.69 -20.49
CA LEU A 44 19.59 18.66 -19.73
C LEU A 44 20.99 18.81 -20.30
N ASP A 45 21.53 20.01 -20.25
CA ASP A 45 22.91 20.25 -20.65
C ASP A 45 23.79 19.68 -19.57
N GLY A 46 23.33 19.75 -18.32
CA GLY A 46 24.09 19.23 -17.21
C GLY A 46 23.28 18.74 -16.05
N LEU A 47 23.84 17.73 -15.38
CA LEU A 47 23.26 17.19 -14.17
C LEU A 47 24.52 16.75 -13.42
N TYR A 48 24.89 17.52 -12.40
CA TYR A 48 26.15 17.35 -11.71
C TYR A 48 26.08 17.22 -10.20
N ARG A 49 26.52 16.07 -9.69
CA ARG A 49 26.62 15.82 -8.28
C ARG A 49 28.03 16.24 -7.94
N GLN A 50 28.16 17.47 -7.44
CA GLN A 50 29.48 18.02 -7.18
C GLN A 50 30.26 17.19 -6.19
N LYS A 51 29.63 16.82 -5.08
CA LYS A 51 30.29 16.01 -4.07
C LYS A 51 29.32 15.07 -3.39
N VAL A 52 29.84 13.99 -2.85
CA VAL A 52 28.95 12.99 -2.23
C VAL A 52 28.18 13.52 -1.02
N THR A 53 28.70 14.56 -0.37
CA THR A 53 28.05 15.16 0.80
C THR A 53 26.96 16.20 0.47
N ASP A 54 26.75 16.47 -0.81
CA ASP A 54 25.68 17.35 -1.24
C ASP A 54 24.42 16.49 -1.33
N LYS A 55 23.31 17.00 -0.83
CA LYS A 55 22.03 16.30 -0.94
C LYS A 55 21.23 16.82 -2.13
N GLY A 56 21.91 16.94 -3.25
CA GLY A 56 21.28 17.39 -4.46
C GLY A 56 22.30 17.53 -5.56
N VAL A 57 21.81 17.92 -6.72
CA VAL A 57 22.62 18.08 -7.88
C VAL A 57 22.36 19.42 -8.54
N TYR A 58 23.36 19.91 -9.23
CA TYR A 58 23.23 21.10 -10.04
C TYR A 58 22.70 20.67 -11.40
N VAL A 59 21.61 21.29 -11.88
CA VAL A 59 21.12 20.96 -13.20
C VAL A 59 20.97 22.24 -13.99
N TRP A 60 21.25 22.14 -15.28
CA TRP A 60 21.11 23.27 -16.17
C TRP A 60 20.79 22.85 -17.57
N LYS A 61 20.22 23.79 -18.30
CA LYS A 61 19.90 23.63 -19.72
C LYS A 61 19.88 25.02 -20.27
N ASP A 62 20.70 25.23 -21.29
CA ASP A 62 20.83 26.54 -21.94
C ASP A 62 21.39 27.45 -20.86
N ARG A 63 20.72 28.57 -20.53
CA ARG A 63 21.27 29.51 -19.55
C ARG A 63 20.52 29.58 -18.20
N LYS A 64 19.77 28.55 -17.86
CA LYS A 64 19.10 28.52 -16.56
C LYS A 64 19.64 27.34 -15.76
N ASP A 65 19.99 27.59 -14.50
CA ASP A 65 20.51 26.55 -13.64
C ASP A 65 19.70 26.48 -12.34
N TYR A 66 19.71 25.31 -11.73
CA TYR A 66 18.92 25.04 -10.54
C TYR A 66 19.70 24.12 -9.68
N PHE A 67 19.30 24.04 -8.42
CA PHE A 67 19.81 23.01 -7.52
C PHE A 67 18.56 22.12 -7.27
N VAL A 68 18.74 20.83 -7.46
CA VAL A 68 17.68 19.86 -7.31
C VAL A 68 17.99 18.92 -6.14
N GLY A 69 17.09 18.93 -5.16
CA GLY A 69 17.27 18.14 -3.97
C GLY A 69 16.98 16.68 -4.27
N LEU A 70 17.79 15.82 -3.68
CA LEU A 70 17.65 14.36 -3.81
C LEU A 70 17.35 13.93 -2.37
N LEU A 71 16.07 13.85 -2.03
CA LEU A 71 15.64 13.61 -0.65
C LEU A 71 15.12 12.23 -0.38
N GLY A 72 15.18 11.36 -1.39
CA GLY A 72 14.74 10.00 -1.28
C GLY A 72 15.78 9.07 -1.86
N LYS A 73 15.34 7.91 -2.34
CA LYS A 73 16.26 6.96 -2.91
C LYS A 73 16.93 7.52 -4.12
N ASP A 74 16.40 8.61 -4.68
CA ASP A 74 17.05 9.22 -5.82
C ASP A 74 18.47 9.69 -5.50
N ILE A 75 18.82 9.82 -4.23
CA ILE A 75 20.19 10.23 -3.92
C ILE A 75 21.22 9.20 -4.40
N GLU A 76 20.81 7.93 -4.40
CA GLU A 76 21.68 6.85 -4.85
C GLU A 76 21.78 6.82 -6.37
N LYS A 77 20.80 7.38 -7.06
CA LYS A 77 20.79 7.35 -8.53
C LYS A 77 21.79 8.23 -9.19
N TYR A 78 22.21 9.28 -8.47
CA TYR A 78 23.15 10.25 -9.05
C TYR A 78 24.35 10.46 -8.14
N PRO A 79 25.31 9.51 -8.15
CA PRO A 79 26.55 9.62 -7.35
C PRO A 79 27.49 10.67 -7.95
N GLN A 80 28.56 10.98 -7.24
CA GLN A 80 29.49 12.06 -7.60
C GLN A 80 29.86 12.07 -9.09
N GLY A 81 29.70 13.23 -9.74
CA GLY A 81 30.03 13.38 -11.14
C GLY A 81 28.94 13.90 -12.04
N GLU A 82 29.17 13.76 -13.34
CA GLU A 82 28.25 14.23 -14.37
C GLU A 82 27.38 13.09 -14.82
N HIS A 83 26.15 13.41 -15.19
CA HIS A 83 25.22 12.39 -15.62
C HIS A 83 24.56 12.84 -16.91
N ASP A 84 24.65 12.01 -17.93
N ASP A 84 24.70 12.02 -17.94
CA ASP A 84 24.14 12.38 -19.24
CA ASP A 84 24.20 12.34 -19.26
C ASP A 84 22.77 11.81 -19.49
C ASP A 84 22.83 11.74 -19.56
N LYS A 85 22.17 12.30 -20.57
CA LYS A 85 20.86 11.87 -21.03
C LYS A 85 19.75 11.86 -19.98
N GLN A 86 19.61 12.97 -19.26
CA GLN A 86 18.59 13.12 -18.21
C GLN A 86 17.58 14.21 -18.51
N ASP A 87 16.38 14.06 -17.95
CA ASP A 87 15.33 15.07 -18.03
C ASP A 87 15.07 15.60 -16.61
N ALA A 88 14.54 16.82 -16.50
CA ALA A 88 14.12 17.34 -15.20
C ALA A 88 12.74 17.94 -15.27
N PHE A 89 11.90 17.56 -14.30
CA PHE A 89 10.57 18.13 -14.12
C PHE A 89 10.65 18.98 -12.87
N LEU A 90 10.70 20.31 -13.07
CA LEU A 90 10.91 21.27 -11.97
C LEU A 90 9.65 22.04 -11.53
N VAL A 91 9.52 22.22 -10.23
CA VAL A 91 8.48 23.07 -9.63
C VAL A 91 9.27 23.84 -8.60
N ILE A 92 9.42 25.12 -8.84
CA ILE A 92 10.28 25.95 -8.00
C ILE A 92 9.70 26.17 -6.61
N GLU A 93 10.45 25.71 -5.63
CA GLU A 93 10.08 25.79 -4.22
C GLU A 93 10.29 27.21 -3.69
N GLU A 94 9.75 27.48 -2.51
CA GLU A 94 9.86 28.79 -1.90
C GLU A 94 11.28 29.13 -1.47
N GLU A 95 12.02 28.13 -1.01
CA GLU A 95 13.35 28.35 -0.53
C GLU A 95 14.43 28.41 -1.60
N THR A 96 15.39 29.33 -1.45
N THR A 96 15.40 29.30 -1.40
CA THR A 96 16.57 29.28 -2.32
CA THR A 96 16.59 29.33 -2.25
C THR A 96 17.51 28.28 -1.65
C THR A 96 17.55 28.32 -1.63
N VAL A 97 18.23 27.51 -2.45
CA VAL A 97 19.22 26.54 -1.92
C VAL A 97 20.53 26.68 -2.70
N ASN A 98 21.61 26.83 -1.96
CA ASN A 98 22.92 27.03 -2.55
C ASN A 98 22.88 28.20 -3.51
N GLY A 99 22.11 29.21 -3.14
CA GLY A 99 22.03 30.43 -3.93
C GLY A 99 21.31 30.30 -5.24
N ARG A 100 20.60 29.18 -5.43
CA ARG A 100 19.87 28.89 -6.67
C ARG A 100 18.41 28.60 -6.45
N GLN A 101 17.63 28.68 -7.52
CA GLN A 101 16.25 28.27 -7.48
C GLN A 101 16.28 26.77 -7.22
N TYR A 102 15.35 26.30 -6.41
CA TYR A 102 15.36 24.94 -5.93
C TYR A 102 14.10 24.18 -6.29
N SER A 103 14.30 22.93 -6.64
CA SER A 103 13.20 22.00 -6.92
C SER A 103 13.58 20.67 -6.30
N ILE A 104 12.60 19.83 -5.98
CA ILE A 104 12.87 18.55 -5.33
C ILE A 104 12.50 17.37 -6.22
N GLY A 105 13.48 16.50 -6.47
CA GLY A 105 13.25 15.31 -7.23
C GLY A 105 12.96 15.60 -8.67
N GLY A 106 12.10 14.79 -9.26
CA GLY A 106 11.72 15.02 -10.64
C GLY A 106 12.74 14.77 -11.75
N LEU A 107 13.82 14.03 -11.44
CA LEU A 107 14.82 13.68 -12.41
C LEU A 107 14.54 12.30 -13.00
N SER A 108 14.85 12.14 -14.27
CA SER A 108 14.69 10.88 -14.91
C SER A 108 15.51 10.75 -16.19
N LYS A 109 15.74 9.51 -16.61
N LYS A 109 15.72 9.51 -16.62
CA LYS A 109 16.39 9.24 -17.89
CA LYS A 109 16.43 9.26 -17.86
C LYS A 109 15.53 9.80 -19.02
C LYS A 109 15.56 9.75 -19.03
N THR A 110 16.18 10.38 -20.01
CA THR A 110 15.48 10.94 -21.16
C THR A 110 15.07 9.79 -22.08
N ASN A 111 14.04 10.03 -22.89
CA ASN A 111 13.54 9.03 -23.83
C ASN A 111 14.59 8.63 -24.84
N SER A 112 14.67 7.33 -25.10
CA SER A 112 15.58 6.83 -26.09
C SER A 112 14.90 6.96 -27.46
N LYS A 113 13.58 7.09 -27.48
CA LYS A 113 12.81 7.25 -28.73
C LYS A 113 11.52 7.97 -28.40
N GLU A 114 10.83 8.51 -29.41
CA GLU A 114 9.56 9.20 -29.17
C GLU A 114 8.59 8.19 -28.58
N PHE A 115 7.83 8.63 -27.61
CA PHE A 115 6.92 7.73 -26.92
C PHE A 115 5.65 8.46 -26.53
N SER A 116 4.51 7.81 -26.69
CA SER A 116 3.23 8.37 -26.28
C SER A 116 2.18 7.27 -26.16
N LYS A 117 1.73 7.05 -24.93
CA LYS A 117 0.75 6.03 -24.60
C LYS A 117 -0.47 6.68 -23.93
N GLU A 118 -1.65 6.44 -24.45
CA GLU A 118 -2.86 6.98 -23.85
C GLU A 118 -3.45 5.93 -22.92
N VAL A 119 -3.69 6.27 -21.66
CA VAL A 119 -4.31 5.34 -20.75
C VAL A 119 -5.65 5.86 -20.28
N ASP A 120 -6.51 4.97 -19.88
CA ASP A 120 -7.81 5.34 -19.31
C ASP A 120 -7.67 5.91 -17.91
N VAL A 121 -8.44 6.95 -17.65
CA VAL A 121 -8.55 7.56 -16.33
C VAL A 121 -10.02 7.41 -15.92
N LYS A 122 -10.27 6.56 -14.93
CA LYS A 122 -11.62 6.37 -14.42
C LYS A 122 -11.79 7.30 -13.21
N VAL A 123 -12.76 8.20 -13.30
CA VAL A 123 -13.03 9.13 -12.20
C VAL A 123 -14.35 8.81 -11.54
N THR A 124 -14.31 8.52 -10.24
CA THR A 124 -15.52 8.27 -9.47
C THR A 124 -15.74 9.48 -8.55
N ARG A 125 -16.87 10.17 -8.72
CA ARG A 125 -17.15 11.43 -8.02
C ARG A 125 -18.37 11.36 -7.14
N LYS A 126 -18.25 11.94 -5.94
CA LYS A 126 -19.34 11.96 -4.98
C LYS A 126 -20.49 12.87 -5.42
N ILE A 127 -21.71 12.33 -5.41
CA ILE A 127 -22.94 13.11 -5.68
C ILE A 127 -23.50 13.50 -4.31
N ASP A 128 -23.57 12.53 -3.40
CA ASP A 128 -24.01 12.77 -2.03
C ASP A 128 -23.47 11.66 -1.12
N GLU A 129 -23.94 11.59 0.12
CA GLU A 129 -23.44 10.57 1.04
C GLU A 129 -23.83 9.14 0.62
N SER A 130 -24.79 9.02 -0.28
CA SER A 130 -25.28 7.72 -0.74
C SER A 130 -24.82 7.27 -2.13
N SER A 131 -24.65 8.21 -3.06
CA SER A 131 -24.29 7.85 -4.43
C SER A 131 -23.02 8.53 -4.97
N GLU A 132 -22.54 8.01 -6.09
CA GLU A 132 -21.35 8.53 -6.75
C GLU A 132 -21.51 8.39 -8.26
N LYS A 133 -20.90 9.31 -9.01
CA LYS A 133 -20.96 9.31 -10.47
C LYS A 133 -19.61 8.86 -11.03
N SER A 134 -19.64 8.08 -12.11
CA SER A 134 -18.39 7.61 -12.76
C SER A 134 -18.20 8.30 -14.09
N LYS A 135 -17.05 8.91 -14.28
CA LYS A 135 -16.76 9.54 -15.54
C LYS A 135 -15.43 9.00 -16.06
N ASP A 136 -15.28 8.96 -17.37
CA ASP A 136 -14.04 8.44 -17.92
C ASP A 136 -13.37 9.51 -18.71
N SER A 137 -12.04 9.46 -18.74
N SER A 137 -12.03 9.51 -18.69
CA SER A 137 -11.27 10.39 -19.53
CA SER A 137 -11.26 10.44 -19.50
C SER A 137 -9.98 9.69 -19.95
C SER A 137 -9.97 9.71 -19.92
N LYS A 138 -9.04 10.45 -20.51
CA LYS A 138 -7.78 9.85 -20.93
C LYS A 138 -6.62 10.69 -20.42
N PHE A 139 -5.46 10.05 -20.36
CA PHE A 139 -4.23 10.73 -19.95
C PHE A 139 -3.08 10.20 -20.79
N LYS A 140 -2.25 11.11 -21.31
CA LYS A 140 -1.15 10.69 -22.18
C LYS A 140 0.17 10.64 -21.44
N ILE A 141 0.88 9.52 -21.59
N ILE A 141 0.86 9.51 -21.56
CA ILE A 141 2.19 9.31 -20.96
CA ILE A 141 2.18 9.33 -20.96
C ILE A 141 3.26 9.47 -22.04
C ILE A 141 3.15 9.57 -22.11
N THR A 142 4.09 10.50 -21.96
CA THR A 142 5.07 10.76 -23.00
C THR A 142 6.51 10.49 -22.67
N LYS A 143 6.75 9.96 -21.48
CA LYS A 143 8.10 9.61 -21.05
C LYS A 143 8.23 8.13 -20.71
N GLU A 144 9.33 7.53 -21.15
CA GLU A 144 9.62 6.12 -20.89
C GLU A 144 9.91 5.87 -19.42
N GLU A 145 10.60 6.80 -18.80
CA GLU A 145 10.86 6.74 -17.35
C GLU A 145 10.29 8.04 -16.85
N ILE A 146 9.36 7.94 -15.90
CA ILE A 146 8.68 9.17 -15.42
C ILE A 146 8.70 9.24 -13.91
N SER A 147 8.89 10.44 -13.37
CA SER A 147 8.95 10.61 -11.94
C SER A 147 7.57 10.67 -11.36
N LEU A 148 7.44 10.24 -10.13
CA LEU A 148 6.18 10.39 -9.44
C LEU A 148 5.85 11.86 -9.31
N LYS A 149 6.86 12.72 -9.18
CA LYS A 149 6.61 14.16 -9.11
C LYS A 149 5.78 14.63 -10.31
N GLU A 150 6.21 14.26 -11.49
CA GLU A 150 5.54 14.69 -12.73
C GLU A 150 4.15 14.10 -12.87
N LEU A 151 4.01 12.80 -12.63
CA LEU A 151 2.66 12.19 -12.67
C LEU A 151 1.67 12.87 -11.70
N ASP A 152 2.09 12.99 -10.44
CA ASP A 152 1.30 13.63 -9.42
C ASP A 152 0.91 15.04 -9.81
N PHE A 153 1.87 15.83 -10.25
CA PHE A 153 1.60 17.24 -10.63
C PHE A 153 0.63 17.35 -11.80
N LYS A 154 0.88 16.62 -12.88
CA LYS A 154 0.03 16.69 -14.04
C LYS A 154 -1.41 16.17 -13.81
N LEU A 155 -1.52 15.07 -13.06
CA LEU A 155 -2.83 14.50 -12.79
C LEU A 155 -3.67 15.38 -11.89
N ARG A 156 -3.06 16.02 -10.89
CA ARG A 156 -3.81 16.95 -10.03
C ARG A 156 -4.21 18.20 -10.82
N LYS A 157 -3.33 18.72 -11.65
CA LYS A 157 -3.74 19.87 -12.49
C LYS A 157 -4.92 19.53 -13.37
N LYS A 158 -4.89 18.31 -13.90
CA LYS A 158 -5.96 17.83 -14.75
C LYS A 158 -7.27 17.86 -13.96
N LEU A 159 -7.20 17.41 -12.72
CA LEU A 159 -8.39 17.42 -11.84
C LEU A 159 -8.76 18.83 -11.39
N MET A 160 -7.79 19.73 -11.22
CA MET A 160 -8.11 21.11 -10.88
C MET A 160 -8.89 21.74 -12.01
N GLU A 161 -8.47 21.45 -13.22
CA GLU A 161 -9.15 22.01 -14.37
C GLU A 161 -10.52 21.35 -14.66
N GLU A 162 -10.58 20.02 -14.62
CA GLU A 162 -11.80 19.30 -15.04
C GLU A 162 -12.80 18.88 -13.99
N GLU A 163 -12.36 18.84 -12.74
CA GLU A 163 -13.18 18.33 -11.66
C GLU A 163 -13.18 19.21 -10.41
N LYS A 164 -12.82 20.50 -10.56
CA LYS A 164 -12.85 21.48 -9.44
C LYS A 164 -12.01 21.11 -8.20
N LEU A 165 -10.99 20.29 -8.39
CA LEU A 165 -10.08 19.96 -7.30
C LEU A 165 -9.43 21.27 -6.84
N TYR A 166 -9.43 21.46 -5.52
CA TYR A 166 -8.93 22.67 -4.85
C TYR A 166 -9.63 23.99 -5.28
N GLY A 167 -10.84 23.88 -5.84
CA GLY A 167 -11.64 25.05 -6.22
C GLY A 167 -12.38 25.65 -5.03
N ALA A 168 -12.42 24.89 -3.92
CA ALA A 168 -13.08 25.31 -2.70
C ALA A 168 -12.46 24.49 -1.58
N VAL A 169 -12.60 24.91 -0.33
CA VAL A 169 -11.96 24.13 0.75
C VAL A 169 -12.43 22.67 0.86
N ASN A 170 -13.70 22.42 0.60
N ASN A 170 -13.70 22.40 0.59
CA ASN A 170 -14.24 21.06 0.63
CA ASN A 170 -14.20 21.03 0.63
C ASN A 170 -13.74 20.14 -0.51
C ASN A 170 -13.57 20.12 -0.45
N ASN A 171 -13.18 20.72 -1.58
CA ASN A 171 -12.68 19.95 -2.73
C ASN A 171 -11.22 19.52 -2.65
N ARG A 172 -10.92 18.69 -1.67
CA ARG A 172 -9.56 18.28 -1.46
C ARG A 172 -9.47 16.80 -1.08
N LYS A 173 -10.58 16.08 -1.11
CA LYS A 173 -10.58 14.71 -0.63
C LYS A 173 -10.68 13.67 -1.71
N GLY A 174 -9.88 12.62 -1.55
CA GLY A 174 -9.82 11.54 -2.50
C GLY A 174 -8.41 11.10 -2.77
N LYS A 175 -8.25 10.39 -3.88
CA LYS A 175 -6.96 9.86 -4.27
C LYS A 175 -6.87 9.53 -5.73
N ILE A 176 -5.65 9.43 -6.18
CA ILE A 176 -5.35 9.03 -7.55
C ILE A 176 -4.51 7.75 -7.41
N VAL A 177 -4.85 6.70 -8.14
CA VAL A 177 -4.11 5.46 -8.11
C VAL A 177 -3.62 5.13 -9.51
N VAL A 178 -2.30 5.10 -9.69
CA VAL A 178 -1.68 4.74 -10.94
C VAL A 178 -1.42 3.23 -10.88
N LYS A 179 -2.05 2.47 -11.76
CA LYS A 179 -1.91 1.00 -11.79
C LYS A 179 -1.06 0.61 -12.97
N MET A 180 -0.13 -0.30 -12.70
CA MET A 180 0.83 -0.78 -13.68
C MET A 180 0.28 -2.05 -14.31
N GLU A 181 0.94 -2.52 -15.35
CA GLU A 181 0.50 -3.73 -16.06
C GLU A 181 0.50 -4.97 -15.18
N ASP A 182 1.44 -5.04 -14.25
CA ASP A 182 1.46 -6.15 -13.30
C ASP A 182 0.63 -5.74 -12.07
N ASP A 183 0.89 -6.30 -10.90
CA ASP A 183 0.04 -5.92 -9.75
C ASP A 183 0.41 -4.64 -9.01
N LYS A 184 1.48 -3.97 -9.43
CA LYS A 184 1.95 -2.76 -8.75
C LYS A 184 1.08 -1.51 -8.95
N PHE A 185 1.05 -0.67 -7.91
CA PHE A 185 0.35 0.60 -7.98
C PHE A 185 1.05 1.64 -7.13
N TYR A 186 0.70 2.91 -7.41
CA TYR A 186 1.25 4.05 -6.71
C TYR A 186 0.08 4.99 -6.41
N THR A 187 0.03 5.50 -5.20
CA THR A 187 -1.10 6.34 -4.80
C THR A 187 -0.71 7.77 -4.45
N PHE A 188 -1.51 8.74 -4.89
CA PHE A 188 -1.34 10.15 -4.51
C PHE A 188 -2.62 10.53 -3.74
N GLU A 189 -2.47 10.92 -2.48
CA GLU A 189 -3.59 11.32 -1.62
C GLU A 189 -3.89 12.80 -1.84
N LEU A 190 -5.12 13.14 -2.20
CA LEU A 190 -5.43 14.52 -2.52
C LEU A 190 -5.42 15.51 -1.36
N THR A 191 -5.50 15.01 -0.13
CA THR A 191 -5.48 15.86 1.06
C THR A 191 -4.08 16.34 1.46
N LYS A 192 -3.03 15.77 0.87
CA LYS A 192 -1.69 16.24 1.20
C LYS A 192 -0.82 16.38 -0.03
N LYS A 193 0.23 17.18 0.07
CA LYS A 193 1.17 17.32 -1.02
C LYS A 193 1.98 16.05 -1.09
N LEU A 194 2.38 15.70 -2.29
CA LEU A 194 3.27 14.53 -2.47
C LEU A 194 4.50 14.76 -1.60
N GLN A 195 4.93 13.73 -0.89
CA GLN A 195 6.06 13.94 0.01
C GLN A 195 7.38 14.02 -0.74
N PRO A 196 8.27 14.90 -0.27
CA PRO A 196 9.56 15.12 -0.89
C PRO A 196 10.31 13.85 -1.22
N HIS A 197 10.35 12.89 -0.31
CA HIS A 197 11.14 11.69 -0.55
C HIS A 197 10.56 10.79 -1.62
N ARG A 198 9.34 11.07 -2.10
CA ARG A 198 8.73 10.30 -3.17
C ARG A 198 8.86 11.02 -4.52
N MET A 199 9.30 12.28 -4.52
CA MET A 199 9.31 13.07 -5.76
C MET A 199 10.32 12.60 -6.76
N GLY A 200 11.37 11.97 -6.26
CA GLY A 200 12.44 11.44 -7.08
C GLY A 200 12.28 9.98 -7.49
N ASP A 201 11.22 9.33 -7.02
CA ASP A 201 10.97 7.94 -7.41
C ASP A 201 10.50 7.94 -8.87
N THR A 202 10.97 6.98 -9.66
CA THR A 202 10.56 6.89 -11.05
C THR A 202 9.94 5.51 -11.33
N ILE A 203 9.12 5.46 -12.35
CA ILE A 203 8.47 4.23 -12.80
C ILE A 203 8.53 4.19 -14.34
N ASP A 204 8.30 3.00 -14.89
CA ASP A 204 8.34 2.75 -16.31
C ASP A 204 6.99 3.20 -16.89
N GLY A 205 7.02 4.32 -17.61
CA GLY A 205 5.80 4.89 -18.17
C GLY A 205 5.18 3.97 -19.18
N THR A 206 6.01 3.13 -19.81
CA THR A 206 5.52 2.17 -20.82
C THR A 206 4.67 1.09 -20.19
N LYS A 207 4.80 0.88 -18.88
CA LYS A 207 4.04 -0.15 -18.18
C LYS A 207 2.87 0.34 -17.36
N ILE A 208 2.57 1.65 -17.43
CA ILE A 208 1.39 2.19 -16.75
C ILE A 208 0.16 1.64 -17.50
N LYS A 209 -0.80 1.08 -16.77
CA LYS A 209 -1.94 0.46 -17.42
C LYS A 209 -3.21 1.29 -17.38
N GLU A 210 -3.53 1.86 -16.23
CA GLU A 210 -4.74 2.68 -16.10
C GLU A 210 -4.60 3.53 -14.86
N ILE A 211 -5.44 4.57 -14.76
CA ILE A 211 -5.39 5.46 -13.62
C ILE A 211 -6.83 5.56 -13.07
N ASN A 212 -6.99 5.36 -11.76
CA ASN A 212 -8.29 5.41 -11.12
C ASN A 212 -8.29 6.54 -10.12
N VAL A 213 -9.32 7.38 -10.16
CA VAL A 213 -9.39 8.53 -9.29
C VAL A 213 -10.69 8.48 -8.50
N GLU A 214 -10.59 8.73 -7.20
N GLU A 214 -10.58 8.71 -7.20
CA GLU A 214 -11.75 8.76 -6.34
CA GLU A 214 -11.74 8.78 -6.32
C GLU A 214 -11.79 10.18 -5.82
C GLU A 214 -11.77 10.22 -5.84
N LEU A 215 -12.90 10.90 -6.06
CA LEU A 215 -13.05 12.28 -5.61
C LEU A 215 -14.19 12.26 -4.59
N GLU A 216 -13.89 12.54 -3.34
CA GLU A 216 -14.88 12.42 -2.29
C GLU A 216 -15.47 13.74 -1.89
N TYR A 217 -15.90 14.51 -2.89
CA TYR A 217 -16.52 15.79 -2.65
C TYR A 217 -17.49 16.06 -3.76
N LYS A 218 -18.55 16.79 -3.44
CA LYS A 218 -19.58 17.15 -4.41
C LYS A 218 -19.12 18.30 -5.29
N HIS B 25 24.02 2.91 4.77
CA HIS B 25 25.07 3.52 3.89
C HIS B 25 26.49 3.39 4.43
N ASN B 26 27.43 3.67 3.55
CA ASN B 26 28.81 3.40 3.81
C ASN B 26 29.50 4.22 4.92
N TYR B 27 30.62 3.65 5.34
CA TYR B 27 31.48 4.24 6.32
C TYR B 27 31.80 5.69 6.03
N LYS B 28 32.02 6.00 4.77
CA LYS B 28 32.41 7.35 4.41
C LYS B 28 31.33 8.40 4.76
N SER B 29 30.07 8.15 4.42
CA SER B 29 29.02 9.14 4.78
C SER B 29 28.74 9.16 6.31
N LEU B 30 28.83 8.00 6.96
CA LEU B 30 28.67 7.92 8.43
C LEU B 30 29.74 8.74 9.13
N LYS B 31 31.00 8.44 8.82
CA LYS B 31 32.11 9.10 9.47
C LYS B 31 32.04 10.60 9.22
N TYR B 32 31.60 10.99 8.03
CA TYR B 32 31.53 12.39 7.66
C TYR B 32 30.53 13.20 8.56
N TYR B 33 29.35 12.65 8.77
CA TYR B 33 28.36 13.33 9.63
C TYR B 33 28.74 13.32 11.09
N TYR B 34 29.04 12.16 11.64
CA TYR B 34 29.35 12.05 13.06
C TYR B 34 30.68 12.64 13.47
N SER B 35 31.59 12.90 12.50
CA SER B 35 32.83 13.64 12.86
C SER B 35 32.65 15.16 12.90
N LYS B 36 31.46 15.66 12.48
CA LYS B 36 31.19 17.10 12.50
C LYS B 36 31.02 17.62 13.93
N PRO B 37 31.33 18.91 14.15
CA PRO B 37 31.12 19.51 15.44
C PRO B 37 29.63 19.89 15.49
N SER B 38 29.07 20.00 16.67
CA SER B 38 27.69 20.42 16.76
C SER B 38 27.70 21.82 17.31
N ILE B 39 26.58 22.52 17.19
CA ILE B 39 26.43 23.84 17.78
C ILE B 39 25.17 23.73 18.63
N GLU B 40 25.30 23.81 19.95
N GLU B 40 25.32 23.80 19.95
CA GLU B 40 24.14 23.68 20.84
CA GLU B 40 24.18 23.72 20.83
C GLU B 40 23.68 25.06 21.27
C GLU B 40 23.73 25.13 21.16
N LEU B 41 22.48 25.44 20.86
CA LEU B 41 21.93 26.74 21.19
C LEU B 41 20.77 26.55 22.16
N LYS B 42 21.01 26.78 23.43
CA LYS B 42 19.92 26.72 24.39
C LYS B 42 19.24 28.09 24.40
N ASN B 43 17.97 28.12 24.75
CA ASN B 43 17.21 29.39 24.83
C ASN B 43 17.38 30.26 23.61
N LEU B 44 16.86 29.78 22.48
CA LEU B 44 16.87 30.56 21.24
C LEU B 44 16.19 31.91 21.43
N ASP B 45 16.68 32.93 20.73
CA ASP B 45 16.04 34.24 20.76
C ASP B 45 14.75 34.12 19.98
N GLY B 46 14.71 33.23 19.01
CA GLY B 46 13.49 32.97 18.29
C GLY B 46 13.48 31.78 17.39
N LEU B 47 12.26 31.33 17.07
CA LEU B 47 12.04 30.27 16.12
C LEU B 47 10.83 30.76 15.36
N TYR B 48 10.94 30.78 14.04
CA TYR B 48 9.89 31.33 13.22
C TYR B 48 9.55 30.48 11.98
N ARG B 49 8.28 30.13 11.86
CA ARG B 49 7.72 29.40 10.71
C ARG B 49 7.07 30.50 9.86
N GLN B 50 7.73 30.92 8.79
CA GLN B 50 7.27 32.15 8.09
C GLN B 50 5.97 32.07 7.34
N LYS B 51 5.87 31.06 6.51
CA LYS B 51 4.66 30.84 5.74
C LYS B 51 4.38 29.41 6.10
N VAL B 52 3.16 28.97 5.84
CA VAL B 52 2.75 27.59 6.13
C VAL B 52 3.33 26.69 5.03
N THR B 53 3.77 27.34 3.95
CA THR B 53 4.37 26.66 2.83
C THR B 53 5.77 26.13 3.21
N ASP B 54 6.59 26.96 3.84
CA ASP B 54 7.95 26.56 4.26
C ASP B 54 8.06 25.11 4.84
N LYS B 55 9.23 24.48 4.61
CA LYS B 55 9.62 23.08 5.04
C LYS B 55 10.72 23.08 6.14
N GLY B 56 10.60 24.05 6.99
CA GLY B 56 11.49 24.22 8.10
C GLY B 56 11.17 25.57 8.69
N VAL B 57 12.01 25.97 9.62
CA VAL B 57 11.82 27.19 10.35
C VAL B 57 13.13 27.93 10.50
N TYR B 58 13.03 29.23 10.70
CA TYR B 58 14.22 30.02 11.00
C TYR B 58 14.47 30.01 12.50
N VAL B 59 15.72 29.83 12.94
CA VAL B 59 16.04 29.96 14.36
C VAL B 59 17.19 30.96 14.45
N TRP B 60 17.25 31.66 15.57
CA TRP B 60 18.32 32.61 15.78
C TRP B 60 18.61 32.79 17.23
N LYS B 61 19.84 33.17 17.50
CA LYS B 61 20.29 33.47 18.84
C LYS B 61 21.52 34.35 18.71
N ASP B 62 21.52 35.46 19.43
CA ASP B 62 22.68 36.32 19.43
C ASP B 62 23.26 36.66 18.06
N ARG B 63 22.39 37.23 17.22
N ARG B 63 22.48 37.31 17.21
CA ARG B 63 22.80 37.71 15.91
CA ARG B 63 22.99 37.73 15.88
C ARG B 63 23.19 36.64 14.87
C ARG B 63 23.49 36.59 14.96
N LYS B 64 23.08 35.36 15.23
CA LYS B 64 23.38 34.27 14.29
C LYS B 64 22.01 33.72 13.95
N ASP B 65 21.71 33.52 12.68
CA ASP B 65 20.46 32.86 12.35
C ASP B 65 20.77 31.65 11.46
N TYR B 66 19.82 30.75 11.45
CA TYR B 66 19.97 29.48 10.80
C TYR B 66 18.61 29.09 10.30
N PHE B 67 18.63 28.15 9.37
CA PHE B 67 17.40 27.57 8.90
C PHE B 67 17.46 26.09 9.25
N VAL B 68 16.40 25.60 9.89
CA VAL B 68 16.32 24.22 10.32
C VAL B 68 15.20 23.48 9.63
N GLY B 69 15.58 22.40 8.97
CA GLY B 69 14.62 21.59 8.19
C GLY B 69 13.85 20.66 9.10
N LEU B 70 12.58 20.45 8.78
CA LEU B 70 11.80 19.52 9.60
C LEU B 70 11.02 18.70 8.63
N LEU B 71 11.24 17.38 8.66
CA LEU B 71 10.57 16.44 7.77
C LEU B 71 9.37 15.74 8.39
N GLY B 72 8.48 15.29 7.51
CA GLY B 72 7.27 14.59 7.89
C GLY B 72 6.44 15.38 8.89
N LYS B 73 6.04 14.73 9.98
CA LYS B 73 5.18 15.38 10.98
C LYS B 73 5.93 16.29 11.99
N ASP B 74 7.25 16.28 11.95
CA ASP B 74 8.03 17.17 12.84
C ASP B 74 7.69 18.65 12.58
N ILE B 75 7.33 18.97 11.35
CA ILE B 75 6.96 20.33 10.99
C ILE B 75 5.67 20.78 11.74
N GLU B 76 4.80 19.84 12.05
CA GLU B 76 3.56 20.15 12.75
C GLU B 76 3.71 20.72 14.17
N LYS B 77 4.87 20.55 14.79
CA LYS B 77 5.12 21.14 16.11
C LYS B 77 5.21 22.66 16.08
N TYR B 78 5.42 23.24 14.91
CA TYR B 78 5.62 24.68 14.81
C TYR B 78 4.76 25.26 13.71
N PRO B 79 3.48 25.57 14.03
CA PRO B 79 2.61 26.20 13.04
C PRO B 79 3.07 27.61 12.72
N GLN B 80 2.55 28.15 11.63
CA GLN B 80 2.95 29.47 11.15
C GLN B 80 3.04 30.46 12.32
N GLY B 81 4.12 31.20 12.37
CA GLY B 81 4.32 32.19 13.43
C GLY B 81 5.56 31.98 14.25
N GLU B 82 5.67 32.76 15.32
CA GLU B 82 6.82 32.77 16.20
C GLU B 82 6.60 31.87 17.42
N HIS B 83 7.65 31.18 17.87
CA HIS B 83 7.56 30.27 19.00
C HIS B 83 8.72 30.51 19.98
N ASP B 84 8.42 30.69 21.25
CA ASP B 84 9.47 30.98 22.20
C ASP B 84 9.76 29.75 23.05
N LYS B 85 10.77 29.87 23.89
CA LYS B 85 11.17 28.80 24.78
C LYS B 85 11.61 27.52 24.07
N GLN B 86 12.47 27.65 23.06
CA GLN B 86 12.98 26.49 22.34
C GLN B 86 14.51 26.44 22.41
N ASP B 87 15.04 25.23 22.22
CA ASP B 87 16.48 24.93 22.14
C ASP B 87 16.74 24.34 20.75
N ALA B 88 17.97 24.47 20.25
CA ALA B 88 18.34 23.84 18.98
C ALA B 88 19.69 23.14 19.09
N PHE B 89 19.78 21.95 18.54
CA PHE B 89 21.00 21.17 18.46
C PHE B 89 21.24 21.11 16.97
N LEU B 90 22.27 21.84 16.54
CA LEU B 90 22.58 22.02 15.12
C LEU B 90 23.83 21.26 14.68
N VAL B 91 23.75 20.66 13.49
CA VAL B 91 24.91 20.02 12.86
C VAL B 91 24.79 20.56 11.45
N ILE B 92 25.75 21.40 11.07
CA ILE B 92 25.61 22.14 9.82
C ILE B 92 25.82 21.29 8.57
N GLU B 93 24.82 21.33 7.70
CA GLU B 93 24.79 20.61 6.45
C GLU B 93 25.59 21.35 5.41
N GLU B 94 25.81 20.69 4.27
CA GLU B 94 26.57 21.28 3.15
C GLU B 94 25.78 22.36 2.37
N GLU B 95 24.46 22.24 2.38
CA GLU B 95 23.62 23.17 1.68
C GLU B 95 23.37 24.44 2.48
N THR B 96 23.35 25.58 1.80
CA THR B 96 22.84 26.80 2.42
C THR B 96 21.39 26.87 1.95
N VAL B 97 20.52 27.40 2.80
CA VAL B 97 19.11 27.53 2.50
C VAL B 97 18.71 28.96 2.84
N ASN B 98 18.15 29.67 1.88
CA ASN B 98 17.78 31.09 2.08
C ASN B 98 18.91 31.92 2.62
N GLY B 99 20.11 31.66 2.13
CA GLY B 99 21.30 32.37 2.52
C GLY B 99 21.79 32.10 3.94
N ARG B 100 21.29 31.05 4.57
CA ARG B 100 21.68 30.72 5.93
C ARG B 100 22.24 29.32 6.05
N GLN B 101 23.01 29.11 7.11
CA GLN B 101 23.52 27.78 7.42
C GLN B 101 22.30 26.93 7.74
N TYR B 102 22.37 25.65 7.39
CA TYR B 102 21.25 24.75 7.47
C TYR B 102 21.55 23.53 8.34
N SER B 103 20.53 23.06 9.05
CA SER B 103 20.64 21.87 9.87
C SER B 103 19.28 21.18 9.82
N ILE B 104 19.25 19.92 10.22
CA ILE B 104 18.00 19.15 10.11
C ILE B 104 17.57 18.63 11.45
N GLY B 105 16.34 18.97 11.84
CA GLY B 105 15.77 18.49 13.09
C GLY B 105 16.44 19.11 14.30
N GLY B 106 16.45 18.41 15.42
CA GLY B 106 17.18 18.92 16.58
C GLY B 106 16.57 20.01 17.40
N LEU B 107 15.28 20.26 17.18
CA LEU B 107 14.56 21.31 17.95
C LEU B 107 13.79 20.73 19.11
N SER B 108 13.82 21.41 20.25
CA SER B 108 13.10 20.96 21.40
C SER B 108 12.71 22.11 22.33
N LYS B 109 11.70 21.86 23.16
CA LYS B 109 11.29 22.82 24.18
C LYS B 109 12.44 22.97 25.18
N THR B 110 12.74 24.19 25.60
CA THR B 110 13.78 24.43 26.59
C THR B 110 13.30 24.01 27.98
N ASN B 111 14.24 23.74 28.89
CA ASN B 111 13.89 23.36 30.26
C ASN B 111 13.01 24.42 30.95
N SER B 112 11.99 23.97 31.65
CA SER B 112 11.16 24.87 32.43
C SER B 112 11.72 24.88 33.87
N LYS B 113 12.35 23.77 34.26
CA LYS B 113 13.02 23.62 35.54
C LYS B 113 14.41 23.01 35.34
N GLU B 114 15.23 23.09 36.35
CA GLU B 114 16.54 22.48 36.30
C GLU B 114 16.32 20.96 36.31
N PHE B 115 17.15 20.26 35.58
CA PHE B 115 17.09 18.80 35.51
C PHE B 115 18.45 18.28 35.13
N SER B 116 18.84 17.18 35.78
CA SER B 116 20.06 16.49 35.44
C SER B 116 20.01 15.11 36.04
N LYS B 117 20.43 14.15 35.22
CA LYS B 117 20.41 12.75 35.56
C LYS B 117 21.61 12.09 34.90
N GLU B 118 22.30 11.23 35.62
CA GLU B 118 23.41 10.48 35.05
C GLU B 118 22.79 9.13 34.71
N VAL B 119 22.87 8.76 33.45
CA VAL B 119 22.29 7.56 32.91
C VAL B 119 23.40 6.55 32.69
N ASP B 120 23.20 5.29 33.10
CA ASP B 120 24.17 4.25 32.80
C ASP B 120 24.20 3.94 31.28
N VAL B 121 25.41 3.80 30.74
CA VAL B 121 25.63 3.37 29.37
C VAL B 121 26.36 2.03 29.47
N LYS B 122 25.77 0.96 28.97
CA LYS B 122 26.39 -0.36 29.03
C LYS B 122 26.79 -0.78 27.62
N VAL B 123 28.09 -0.94 27.40
CA VAL B 123 28.61 -1.32 26.11
C VAL B 123 29.07 -2.77 26.10
N THR B 124 28.49 -3.57 25.22
CA THR B 124 28.88 -4.98 25.07
C THR B 124 29.39 -5.21 23.65
N ARG B 125 30.40 -6.07 23.50
CA ARG B 125 30.90 -6.45 22.19
C ARG B 125 30.20 -7.74 21.80
N LYS B 126 29.61 -7.78 20.62
CA LYS B 126 28.94 -8.96 20.13
C LYS B 126 29.83 -9.50 19.02
N ILE B 127 30.92 -10.12 19.49
CA ILE B 127 31.92 -10.81 18.67
C ILE B 127 32.55 -11.88 19.59
N ASP B 128 33.14 -11.46 20.71
CA ASP B 128 33.80 -12.35 21.69
C ASP B 128 33.39 -11.95 23.10
N GLU B 129 34.04 -12.57 24.08
CA GLU B 129 33.80 -12.33 25.50
C GLU B 129 33.81 -10.86 25.91
N GLU B 132 29.33 -12.43 26.91
CA GLU B 132 30.17 -11.24 26.74
C GLU B 132 29.95 -10.24 27.88
N LYS B 133 30.98 -9.43 28.19
CA LYS B 133 30.90 -8.46 29.28
C LYS B 133 30.82 -7.01 28.78
N SER B 134 30.14 -6.18 29.56
CA SER B 134 29.94 -4.78 29.19
C SER B 134 30.89 -3.84 29.88
N LYS B 135 31.33 -2.81 29.16
CA LYS B 135 32.14 -1.74 29.75
C LYS B 135 31.10 -0.67 30.00
N ASP B 136 30.97 -0.29 31.25
CA ASP B 136 29.94 0.63 31.62
C ASP B 136 30.48 2.01 31.90
N SER B 137 29.70 3.02 31.54
CA SER B 137 30.05 4.39 31.83
C SER B 137 28.75 5.16 32.06
N LYS B 138 28.85 6.48 32.13
CA LYS B 138 27.71 7.32 32.41
C LYS B 138 27.52 8.35 31.31
N PHE B 139 26.27 8.76 31.10
CA PHE B 139 25.91 9.80 30.13
C PHE B 139 24.98 10.78 30.83
N LYS B 140 25.35 12.06 30.83
CA LYS B 140 24.57 13.07 31.55
C LYS B 140 23.46 13.65 30.71
N ILE B 141 22.23 13.60 31.23
CA ILE B 141 21.06 14.18 30.56
C ILE B 141 20.73 15.46 31.29
N THR B 142 20.68 16.60 30.60
CA THR B 142 20.34 17.87 31.25
C THR B 142 19.08 18.55 30.71
N LYS B 143 18.45 17.92 29.73
CA LYS B 143 17.25 18.46 29.11
C LYS B 143 16.02 17.62 29.39
N GLU B 144 14.92 18.30 29.75
CA GLU B 144 13.63 17.67 30.00
C GLU B 144 13.06 17.10 28.72
N GLU B 145 13.26 17.84 27.60
CA GLU B 145 12.81 17.39 26.28
C GLU B 145 14.05 17.36 25.39
N ILE B 146 14.31 16.22 24.77
CA ILE B 146 15.53 16.05 23.98
C ILE B 146 15.26 15.38 22.63
N SER B 147 15.89 15.94 21.59
CA SER B 147 15.74 15.40 20.25
C SER B 147 16.54 14.13 20.05
N LEU B 148 16.01 13.23 19.24
CA LEU B 148 16.76 12.05 18.87
C LEU B 148 18.04 12.47 18.11
N LYS B 149 18.03 13.59 17.37
CA LYS B 149 19.27 14.06 16.75
C LYS B 149 20.43 14.16 17.75
N GLU B 150 20.15 14.84 18.86
CA GLU B 150 21.16 15.15 19.88
C GLU B 150 21.63 13.87 20.62
N LEU B 151 20.70 13.02 21.01
CA LEU B 151 21.05 11.79 21.69
C LEU B 151 21.92 10.94 20.78
N ASP B 152 21.43 10.73 19.56
CA ASP B 152 22.13 9.96 18.56
C ASP B 152 23.55 10.53 18.34
N PHE B 153 23.63 11.83 18.08
CA PHE B 153 24.90 12.46 17.76
C PHE B 153 25.89 12.36 18.93
N LYS B 154 25.47 12.72 20.14
CA LYS B 154 26.34 12.68 21.30
C LYS B 154 26.78 11.28 21.69
N LEU B 155 25.87 10.31 21.61
CA LEU B 155 26.22 8.93 21.93
C LEU B 155 27.16 8.34 20.89
N ARG B 156 26.95 8.58 19.59
CA ARG B 156 27.91 8.06 18.62
C ARG B 156 29.28 8.75 18.81
N LYS B 157 29.27 10.04 19.14
CA LYS B 157 30.54 10.71 19.34
C LYS B 157 31.29 10.13 20.55
N LYS B 158 30.54 9.77 21.59
CA LYS B 158 31.13 9.15 22.74
C LYS B 158 31.75 7.79 22.32
N LEU B 159 31.07 7.05 21.46
CA LEU B 159 31.59 5.76 21.01
C LEU B 159 32.80 5.91 20.10
N MET B 160 32.83 6.98 19.30
CA MET B 160 33.97 7.25 18.44
C MET B 160 35.21 7.54 19.28
N GLU B 161 35.00 8.21 20.41
N GLU B 161 35.04 8.21 20.41
CA GLU B 161 36.08 8.61 21.32
CA GLU B 161 36.19 8.49 21.27
C GLU B 161 36.56 7.49 22.25
C GLU B 161 36.61 7.30 22.09
N GLU B 162 35.65 6.64 22.70
CA GLU B 162 35.94 5.55 23.64
C GLU B 162 35.98 4.12 23.09
N GLU B 163 35.32 3.87 21.97
CA GLU B 163 35.18 2.50 21.47
C GLU B 163 35.54 2.32 20.00
N LYS B 164 36.29 3.28 19.44
CA LYS B 164 36.78 3.22 18.06
C LYS B 164 35.72 3.14 16.97
N LEU B 165 34.52 3.60 17.27
CA LEU B 165 33.45 3.60 16.29
C LEU B 165 33.87 4.45 15.13
N TYR B 166 33.71 3.91 13.93
CA TYR B 166 34.12 4.57 12.70
C TYR B 166 35.61 4.89 12.64
N GLY B 167 36.42 4.19 13.42
CA GLY B 167 37.86 4.37 13.39
C GLY B 167 38.49 3.61 12.20
N ALA B 168 37.74 2.68 11.63
CA ALA B 168 38.20 1.86 10.49
C ALA B 168 36.94 1.44 9.79
N VAL B 169 37.06 1.03 8.53
CA VAL B 169 35.86 0.70 7.74
C VAL B 169 35.04 -0.43 8.35
N ASN B 170 35.65 -1.38 9.04
CA ASN B 170 34.85 -2.46 9.64
C ASN B 170 34.23 -2.13 11.01
N ASN B 171 34.53 -0.94 11.56
CA ASN B 171 34.00 -0.54 12.88
C ASN B 171 32.72 0.28 12.72
N ARG B 172 31.67 -0.31 12.18
N ARG B 172 31.67 -0.33 12.20
CA ARG B 172 30.41 0.41 12.00
CA ARG B 172 30.40 0.37 11.95
C ARG B 172 29.15 -0.43 12.27
C ARG B 172 29.15 -0.43 12.28
N LYS B 173 29.29 -1.62 12.84
CA LYS B 173 28.13 -2.49 13.09
C LYS B 173 27.76 -2.53 14.56
N GLY B 174 26.46 -2.53 14.82
CA GLY B 174 25.96 -2.53 16.19
C GLY B 174 24.77 -1.60 16.30
N LYS B 175 24.39 -1.32 17.52
CA LYS B 175 23.24 -0.44 17.77
C LYS B 175 23.32 0.19 19.15
N ILE B 176 22.61 1.30 19.28
CA ILE B 176 22.45 2.00 20.54
C ILE B 176 20.95 1.90 20.84
N VAL B 177 20.60 1.52 22.07
CA VAL B 177 19.19 1.46 22.47
C VAL B 177 18.96 2.34 23.67
N VAL B 178 18.11 3.33 23.49
CA VAL B 178 17.76 4.23 24.56
C VAL B 178 16.50 3.67 25.20
N LYS B 179 16.63 3.17 26.43
CA LYS B 179 15.50 2.57 27.11
C LYS B 179 14.87 3.53 28.12
N MET B 180 13.54 3.64 28.05
CA MET B 180 12.77 4.52 28.92
C MET B 180 12.32 3.76 30.22
N GLU B 181 11.81 4.52 31.20
CA GLU B 181 11.40 3.94 32.48
C GLU B 181 10.27 2.89 32.32
N ASP B 182 9.41 3.04 31.32
CA ASP B 182 8.32 2.08 31.07
C ASP B 182 8.65 1.05 29.98
N ASP B 183 9.94 0.84 29.71
CA ASP B 183 10.39 -0.13 28.71
C ASP B 183 10.14 0.24 27.21
N LYS B 184 9.56 1.41 26.95
CA LYS B 184 9.57 1.91 25.56
C LYS B 184 11.04 2.13 25.25
N PHE B 185 11.38 2.12 23.97
CA PHE B 185 12.76 2.30 23.57
C PHE B 185 12.91 2.93 22.18
N TYR B 186 14.10 3.44 21.93
CA TYR B 186 14.45 4.08 20.67
C TYR B 186 15.80 3.54 20.27
N THR B 187 15.90 3.06 19.02
CA THR B 187 17.11 2.40 18.54
C THR B 187 17.84 3.23 17.46
N PHE B 188 19.18 3.29 17.55
CA PHE B 188 20.01 3.93 16.51
C PHE B 188 20.94 2.83 15.99
N GLU B 189 20.79 2.49 14.72
CA GLU B 189 21.60 1.43 14.09
C GLU B 189 22.90 2.06 13.62
N LEU B 190 24.02 1.52 14.04
CA LEU B 190 25.29 2.15 13.74
C LEU B 190 25.74 2.09 12.25
N THR B 191 25.14 1.21 11.46
CA THR B 191 25.47 1.14 10.05
C THR B 191 24.77 2.17 9.19
N LYS B 192 23.87 2.96 9.78
CA LYS B 192 23.23 4.04 9.03
C LYS B 192 23.15 5.33 9.81
N LYS B 193 23.11 6.43 9.07
CA LYS B 193 22.96 7.72 9.71
C LYS B 193 21.52 7.79 10.16
N LEU B 194 21.27 8.42 11.27
CA LEU B 194 19.90 8.62 11.72
C LEU B 194 19.12 9.27 10.62
N GLN B 195 17.96 8.73 10.32
CA GLN B 195 17.13 9.28 9.25
C GLN B 195 16.58 10.65 9.57
N PRO B 196 16.52 11.53 8.56
CA PRO B 196 16.08 12.89 8.71
C PRO B 196 14.71 13.04 9.37
N HIS B 197 13.77 12.13 9.11
CA HIS B 197 12.44 12.23 9.75
C HIS B 197 12.48 11.93 11.24
N ARG B 198 13.52 11.23 11.69
CA ARG B 198 13.67 10.93 13.12
C ARG B 198 14.45 11.98 13.87
N MET B 199 15.23 12.78 13.16
CA MET B 199 16.08 13.82 13.78
C MET B 199 15.26 14.84 14.55
N GLY B 200 14.04 15.09 14.08
CA GLY B 200 13.14 16.02 14.72
C GLY B 200 12.24 15.42 15.78
N ASP B 201 12.25 14.09 15.91
CA ASP B 201 11.46 13.47 17.00
C ASP B 201 12.07 13.84 18.39
N THR B 202 11.23 14.04 19.39
CA THR B 202 11.70 14.35 20.74
C THR B 202 11.16 13.34 21.72
N ILE B 203 11.90 13.11 22.81
CA ILE B 203 11.46 12.23 23.86
C ILE B 203 11.63 12.95 25.19
N ASP B 204 11.05 12.37 26.22
CA ASP B 204 11.09 12.97 27.56
C ASP B 204 12.40 12.53 28.24
N GLY B 205 13.32 13.48 28.29
CA GLY B 205 14.61 13.26 28.90
C GLY B 205 14.52 12.77 30.33
N THR B 206 13.47 13.17 31.04
CA THR B 206 13.33 12.80 32.45
C THR B 206 12.96 11.33 32.61
N LYS B 207 12.55 10.69 31.51
CA LYS B 207 12.10 9.28 31.57
C LYS B 207 13.11 8.27 30.95
N ILE B 208 14.31 8.74 30.58
CA ILE B 208 15.36 7.88 30.06
C ILE B 208 15.89 7.07 31.25
N LYS B 209 15.91 5.76 31.11
CA LYS B 209 16.35 4.87 32.18
C LYS B 209 17.79 4.39 32.03
N GLU B 210 18.14 3.91 30.86
CA GLU B 210 19.51 3.46 30.62
C GLU B 210 19.75 3.40 29.14
N ILE B 211 21.03 3.30 28.77
CA ILE B 211 21.42 3.21 27.39
C ILE B 211 22.20 1.91 27.22
N ASN B 212 21.78 1.08 26.28
CA ASN B 212 22.46 -0.20 26.04
C ASN B 212 23.06 -0.18 24.65
N VAL B 213 24.36 -0.45 24.56
CA VAL B 213 25.05 -0.45 23.27
C VAL B 213 25.63 -1.81 22.92
N GLU B 214 25.43 -2.25 21.68
CA GLU B 214 26.05 -3.49 21.19
C GLU B 214 26.97 -3.12 20.07
N LEU B 215 28.24 -3.50 20.19
CA LEU B 215 29.21 -3.25 19.12
C LEU B 215 29.53 -4.60 18.48
N GLU B 216 29.42 -4.66 17.17
CA GLU B 216 29.64 -5.90 16.46
C GLU B 216 30.90 -5.84 15.63
N TYR B 217 31.96 -5.31 16.22
CA TYR B 217 33.26 -5.26 15.59
C TYR B 217 34.24 -5.40 16.72
N LYS B 218 35.41 -5.90 16.38
CA LYS B 218 36.45 -6.14 17.38
C LYS B 218 37.40 -4.96 17.41
N ASN C 26 0.84 -22.87 -9.09
CA ASN C 26 -0.01 -22.02 -9.96
C ASN C 26 -0.30 -22.68 -11.31
N TYR C 27 0.73 -23.12 -12.03
CA TYR C 27 0.51 -23.81 -13.33
C TYR C 27 -0.44 -24.96 -13.11
N LYS C 28 -0.12 -25.75 -12.10
CA LYS C 28 -0.90 -26.93 -11.79
C LYS C 28 -2.37 -26.57 -11.51
N SER C 29 -2.60 -25.46 -10.80
CA SER C 29 -3.97 -25.00 -10.51
C SER C 29 -4.69 -24.47 -11.75
N LEU C 30 -3.97 -23.80 -12.66
CA LEU C 30 -4.55 -23.35 -13.91
C LEU C 30 -5.04 -24.49 -14.74
N LYS C 31 -4.11 -25.40 -14.99
CA LYS C 31 -4.37 -26.56 -15.82
C LYS C 31 -5.55 -27.37 -15.29
N TYR C 32 -5.59 -27.55 -13.99
CA TYR C 32 -6.62 -28.32 -13.35
C TYR C 32 -8.03 -27.75 -13.54
N TYR C 33 -8.19 -26.43 -13.36
CA TYR C 33 -9.50 -25.81 -13.56
C TYR C 33 -9.94 -25.94 -15.02
N TYR C 34 -9.06 -25.54 -15.92
CA TYR C 34 -9.36 -25.48 -17.38
C TYR C 34 -9.49 -26.82 -18.08
N SER C 35 -8.99 -27.87 -17.45
CA SER C 35 -9.10 -29.21 -17.98
C SER C 35 -10.41 -29.89 -17.60
N LYS C 36 -11.15 -29.31 -16.66
CA LYS C 36 -12.42 -29.88 -16.21
C LYS C 36 -13.48 -29.81 -17.29
N PRO C 37 -14.43 -30.76 -17.27
CA PRO C 37 -15.47 -30.68 -18.26
C PRO C 37 -16.49 -29.66 -17.73
N SER C 38 -17.22 -29.02 -18.59
CA SER C 38 -18.20 -28.07 -18.10
C SER C 38 -19.56 -28.69 -18.29
N ILE C 39 -20.57 -28.17 -17.60
CA ILE C 39 -21.96 -28.63 -17.72
C ILE C 39 -22.77 -27.40 -18.07
N GLU C 40 -23.43 -27.41 -19.22
CA GLU C 40 -24.25 -26.28 -19.59
C GLU C 40 -25.67 -26.59 -19.22
N LEU C 41 -26.10 -26.11 -18.06
CA LEU C 41 -27.49 -26.33 -17.60
C LEU C 41 -28.36 -25.20 -17.99
N LYS C 42 -28.93 -25.28 -19.18
CA LYS C 42 -29.81 -24.23 -19.66
C LYS C 42 -31.25 -24.44 -19.19
N ASN C 43 -32.02 -23.36 -19.16
CA ASN C 43 -33.42 -23.37 -18.75
C ASN C 43 -33.63 -24.02 -17.38
N LEU C 44 -33.04 -23.43 -16.35
CA LEU C 44 -33.14 -23.98 -15.00
C LEU C 44 -34.58 -24.01 -14.57
N ASP C 45 -34.94 -25.01 -13.76
CA ASP C 45 -36.27 -25.08 -13.23
C ASP C 45 -36.37 -24.05 -12.12
N GLY C 46 -35.23 -23.72 -11.51
CA GLY C 46 -35.22 -22.72 -10.47
C GLY C 46 -33.84 -22.21 -10.09
N LEU C 47 -33.84 -21.05 -9.45
CA LEU C 47 -32.63 -20.39 -8.99
C LEU C 47 -33.16 -19.64 -7.79
N TYR C 48 -32.67 -20.01 -6.61
CA TYR C 48 -33.21 -19.52 -5.36
C TYR C 48 -32.16 -19.03 -4.37
N ARG C 49 -32.33 -17.79 -3.94
CA ARG C 49 -31.46 -17.16 -2.97
C ARG C 49 -32.24 -17.32 -1.69
N GLN C 50 -31.86 -18.28 -0.86
CA GLN C 50 -32.64 -18.53 0.36
C GLN C 50 -32.61 -17.34 1.30
N LYS C 51 -31.43 -16.75 1.51
CA LYS C 51 -31.36 -15.56 2.33
C LYS C 51 -30.27 -14.65 1.86
N VAL C 52 -30.39 -13.39 2.26
CA VAL C 52 -29.41 -12.37 1.88
C VAL C 52 -28.04 -12.66 2.47
N THR C 53 -27.98 -13.45 3.54
CA THR C 53 -26.70 -13.80 4.18
C THR C 53 -26.00 -15.00 3.49
N ASP C 54 -26.67 -15.63 2.53
CA ASP C 54 -26.08 -16.72 1.73
C ASP C 54 -25.21 -16.11 0.63
N LYS C 55 -24.01 -16.66 0.41
CA LYS C 55 -23.14 -16.16 -0.68
C LYS C 55 -23.26 -17.05 -1.91
N GLY C 56 -24.49 -17.36 -2.27
CA GLY C 56 -24.78 -18.20 -3.38
C GLY C 56 -26.26 -18.51 -3.50
N VAL C 57 -26.61 -19.25 -4.54
CA VAL C 57 -28.00 -19.60 -4.83
C VAL C 57 -28.10 -21.08 -5.13
N TYR C 58 -29.25 -21.64 -4.79
CA TYR C 58 -29.57 -23.04 -5.12
C TYR C 58 -30.10 -23.00 -6.55
N VAL C 59 -29.63 -23.90 -7.39
CA VAL C 59 -30.13 -23.99 -8.75
C VAL C 59 -30.45 -25.45 -9.01
N TRP C 60 -31.49 -25.70 -9.78
CA TRP C 60 -31.85 -27.07 -10.08
C TRP C 60 -32.56 -27.15 -11.39
N LYS C 61 -32.52 -28.33 -11.98
CA LYS C 61 -33.23 -28.63 -13.18
C LYS C 61 -33.64 -30.07 -13.01
N ASP C 62 -34.93 -30.31 -12.98
CA ASP C 62 -35.47 -31.66 -12.75
C ASP C 62 -34.92 -32.11 -11.41
N ARG C 63 -34.34 -33.28 -11.29
CA ARG C 63 -34.01 -33.72 -9.95
C ARG C 63 -32.52 -33.70 -9.69
N LYS C 64 -31.87 -32.69 -10.26
CA LYS C 64 -30.47 -32.50 -10.07
C LYS C 64 -30.29 -31.06 -9.57
N ASP C 65 -29.70 -30.90 -8.39
CA ASP C 65 -29.45 -29.55 -7.86
C ASP C 65 -27.99 -29.27 -7.53
N TYR C 66 -27.69 -27.98 -7.53
CA TYR C 66 -26.35 -27.45 -7.25
C TYR C 66 -26.47 -26.21 -6.41
N PHE C 67 -25.35 -25.79 -5.86
CA PHE C 67 -25.23 -24.53 -5.15
C PHE C 67 -24.18 -23.74 -5.93
N VAL C 68 -24.55 -22.52 -6.33
CA VAL C 68 -23.67 -21.69 -7.13
C VAL C 68 -23.30 -20.46 -6.33
N GLY C 69 -22.01 -20.30 -6.13
CA GLY C 69 -21.46 -19.20 -5.38
C GLY C 69 -21.57 -17.89 -6.11
N LEU C 70 -21.95 -16.84 -5.39
CA LEU C 70 -22.08 -15.48 -5.93
C LEU C 70 -20.92 -14.69 -5.26
N LEU C 71 -19.82 -14.53 -5.99
CA LEU C 71 -18.60 -13.93 -5.45
C LEU C 71 -18.26 -12.54 -5.96
N GLY C 72 -19.05 -12.01 -6.88
CA GLY C 72 -18.79 -10.67 -7.43
C GLY C 72 -20.07 -9.86 -7.42
N LYS C 73 -20.19 -8.97 -8.40
CA LYS C 73 -21.37 -8.13 -8.52
C LYS C 73 -22.60 -8.97 -8.80
N ASP C 74 -22.41 -10.22 -9.24
CA ASP C 74 -23.58 -11.10 -9.47
C ASP C 74 -24.47 -11.26 -8.25
N ILE C 75 -23.92 -11.11 -7.06
CA ILE C 75 -24.73 -11.23 -5.86
C ILE C 75 -25.85 -10.18 -5.84
N GLU C 76 -25.63 -9.04 -6.46
CA GLU C 76 -26.64 -8.01 -6.55
C GLU C 76 -27.78 -8.39 -7.50
N LYS C 77 -27.49 -9.28 -8.45
CA LYS C 77 -28.50 -9.63 -9.44
C LYS C 77 -29.48 -10.64 -8.90
N TYR C 78 -29.10 -11.38 -7.86
CA TYR C 78 -30.00 -12.39 -7.36
C TYR C 78 -30.29 -12.19 -5.89
N PRO C 79 -31.09 -11.15 -5.57
CA PRO C 79 -31.47 -10.89 -4.18
C PRO C 79 -32.40 -12.00 -3.64
N GLN C 80 -32.70 -11.97 -2.34
CA GLN C 80 -33.48 -13.04 -1.70
C GLN C 80 -34.75 -13.35 -2.46
N GLY C 81 -34.98 -14.62 -2.75
CA GLY C 81 -36.17 -15.03 -3.47
C GLY C 81 -35.85 -15.93 -4.65
N GLU C 82 -36.87 -16.23 -5.43
CA GLU C 82 -36.71 -17.10 -6.61
C GLU C 82 -36.56 -16.26 -7.85
N HIS C 83 -35.82 -16.78 -8.83
CA HIS C 83 -35.56 -16.06 -10.06
C HIS C 83 -35.77 -16.98 -11.25
N ASP C 84 -36.61 -16.60 -12.19
CA ASP C 84 -36.86 -17.44 -13.35
C ASP C 84 -36.03 -17.07 -14.59
N LYS C 85 -36.11 -17.91 -15.62
CA LYS C 85 -35.51 -17.67 -16.92
C LYS C 85 -34.01 -17.46 -16.90
N GLN C 86 -33.31 -18.29 -16.11
CA GLN C 86 -31.88 -18.25 -16.02
C GLN C 86 -31.27 -19.57 -16.53
N ASP C 87 -30.00 -19.48 -16.93
CA ASP C 87 -29.12 -20.59 -17.38
C ASP C 87 -27.95 -20.63 -16.41
N ALA C 88 -27.28 -21.78 -16.32
CA ALA C 88 -26.10 -21.92 -15.50
C ALA C 88 -24.98 -22.64 -16.29
N PHE C 89 -23.80 -22.07 -16.25
CA PHE C 89 -22.59 -22.68 -16.85
C PHE C 89 -21.79 -23.12 -15.68
N LEU C 90 -21.75 -24.44 -15.47
CA LEU C 90 -21.14 -25.03 -14.30
C LEU C 90 -19.80 -25.69 -14.53
N VAL C 91 -18.88 -25.47 -13.61
CA VAL C 91 -17.60 -26.17 -13.61
C VAL C 91 -17.48 -26.61 -12.16
N ILE C 92 -17.57 -27.91 -11.94
CA ILE C 92 -17.72 -28.38 -10.56
C ILE C 92 -16.45 -28.33 -9.71
N GLU C 93 -16.58 -27.68 -8.57
CA GLU C 93 -15.50 -27.53 -7.62
C GLU C 93 -15.33 -28.82 -6.78
N GLU C 94 -14.20 -28.96 -6.10
CA GLU C 94 -14.00 -30.13 -5.22
C GLU C 94 -14.83 -30.07 -3.94
N GLU C 95 -15.20 -28.86 -3.54
CA GLU C 95 -15.97 -28.70 -2.32
C GLU C 95 -17.46 -28.96 -2.48
N THR C 96 -18.05 -29.63 -1.50
N THR C 96 -18.03 -29.58 -1.45
CA THR C 96 -19.50 -29.73 -1.48
CA THR C 96 -19.47 -29.77 -1.37
C THR C 96 -19.88 -28.54 -0.60
C THR C 96 -19.92 -28.58 -0.53
N VAL C 97 -20.97 -27.88 -0.98
CA VAL C 97 -21.45 -26.70 -0.26
C VAL C 97 -22.95 -26.82 -0.06
N ASN C 98 -23.41 -26.67 1.19
CA ASN C 98 -24.83 -26.84 1.53
C ASN C 98 -25.36 -28.17 1.04
N GLY C 99 -24.55 -29.22 1.23
CA GLY C 99 -24.89 -30.56 0.85
C GLY C 99 -25.00 -30.79 -0.65
N ARG C 100 -24.50 -29.88 -1.47
CA ARG C 100 -24.60 -30.04 -2.92
C ARG C 100 -23.30 -29.85 -3.67
N GLN C 101 -23.27 -30.27 -4.94
CA GLN C 101 -22.17 -29.97 -5.82
C GLN C 101 -22.14 -28.45 -6.02
N TYR C 102 -20.92 -27.92 -6.14
CA TYR C 102 -20.72 -26.48 -6.15
C TYR C 102 -19.99 -25.95 -7.35
N SER C 103 -20.36 -24.74 -7.77
CA SER C 103 -19.71 -24.06 -8.89
C SER C 103 -19.75 -22.57 -8.58
N ILE C 104 -18.86 -21.83 -9.22
CA ILE C 104 -18.73 -20.41 -8.95
C ILE C 104 -19.12 -19.56 -10.16
N GLY C 105 -20.08 -18.66 -9.94
CA GLY C 105 -20.58 -17.71 -10.98
C GLY C 105 -21.25 -18.42 -12.14
N GLY C 106 -21.06 -17.90 -13.36
CA GLY C 106 -21.58 -18.58 -14.55
C GLY C 106 -23.07 -18.58 -14.80
N LEU C 107 -23.80 -17.68 -14.11
CA LEU C 107 -25.25 -17.57 -14.29
C LEU C 107 -25.57 -16.48 -15.29
N SER C 108 -26.60 -16.69 -16.08
CA SER C 108 -27.00 -15.68 -17.06
C SER C 108 -28.48 -15.84 -17.42
N LYS C 109 -29.07 -14.79 -17.96
CA LYS C 109 -30.44 -14.88 -18.39
C LYS C 109 -30.47 -15.84 -19.62
N THR C 110 -31.52 -16.65 -19.69
CA THR C 110 -31.67 -17.59 -20.79
C THR C 110 -32.09 -16.87 -22.08
N ASN C 111 -31.85 -17.50 -23.23
CA ASN C 111 -32.29 -16.93 -24.51
C ASN C 111 -33.78 -16.58 -24.53
N SER C 112 -34.10 -15.41 -25.06
CA SER C 112 -35.48 -14.95 -25.23
C SER C 112 -36.00 -15.40 -26.58
N LYS C 113 -35.07 -15.68 -27.50
CA LYS C 113 -35.39 -16.18 -28.83
C LYS C 113 -34.21 -17.00 -29.28
N GLU C 114 -34.39 -17.77 -30.35
CA GLU C 114 -33.30 -18.55 -30.90
C GLU C 114 -32.24 -17.56 -31.38
N PHE C 115 -30.98 -17.88 -31.16
CA PHE C 115 -29.86 -17.02 -31.55
C PHE C 115 -28.55 -17.78 -31.62
N SER C 116 -27.80 -17.55 -32.68
CA SER C 116 -26.45 -18.11 -32.78
C SER C 116 -25.65 -17.24 -33.74
N LYS C 117 -24.34 -17.25 -33.56
CA LYS C 117 -23.48 -16.40 -34.37
C LYS C 117 -22.03 -16.78 -34.17
N GLU C 118 -21.29 -16.86 -35.26
CA GLU C 118 -19.90 -17.20 -35.21
C GLU C 118 -19.08 -15.94 -35.38
N VAL C 119 -18.06 -15.76 -34.53
CA VAL C 119 -17.15 -14.64 -34.68
C VAL C 119 -15.74 -15.16 -34.96
N ASP C 120 -14.94 -14.33 -35.58
CA ASP C 120 -13.56 -14.65 -35.86
C ASP C 120 -12.69 -14.64 -34.59
N VAL C 121 -11.74 -15.57 -34.53
CA VAL C 121 -10.77 -15.66 -33.47
C VAL C 121 -9.41 -15.53 -34.12
N LYS C 122 -8.76 -14.38 -33.93
CA LYS C 122 -7.45 -14.13 -34.50
C LYS C 122 -6.34 -14.37 -33.48
N VAL C 123 -5.48 -15.33 -33.81
CA VAL C 123 -4.39 -15.72 -32.93
C VAL C 123 -3.05 -15.24 -33.43
N THR C 124 -2.25 -14.62 -32.57
CA THR C 124 -0.91 -14.20 -32.96
C THR C 124 0.07 -14.56 -31.84
N ARG C 125 1.35 -14.68 -32.20
CA ARG C 125 2.34 -15.01 -31.20
C ARG C 125 3.40 -13.93 -31.04
N LYS C 126 3.60 -13.49 -29.80
CA LYS C 126 4.61 -12.50 -29.47
C LYS C 126 5.80 -13.12 -28.76
N ILE C 127 6.45 -14.02 -29.49
CA ILE C 127 7.70 -14.66 -29.09
C ILE C 127 8.46 -14.90 -30.38
N ASP C 128 9.71 -14.47 -30.42
CA ASP C 128 10.51 -14.66 -31.64
C ASP C 128 10.88 -16.12 -31.81
N GLU C 129 10.86 -16.59 -33.06
CA GLU C 129 11.19 -17.97 -33.41
C GLU C 129 10.31 -19.01 -32.69
N SER C 130 9.01 -19.08 -33.00
CA SER C 130 8.36 -18.23 -34.00
C SER C 130 7.03 -17.70 -33.46
N LYS C 133 4.12 -19.07 -37.27
CA LYS C 133 3.14 -19.85 -36.53
C LYS C 133 2.05 -18.95 -35.92
N SER C 134 0.83 -19.08 -36.44
CA SER C 134 -0.32 -18.31 -35.98
C SER C 134 -1.60 -18.93 -36.57
N LYS C 135 -2.76 -18.31 -36.35
CA LYS C 135 -4.03 -18.85 -36.84
C LYS C 135 -5.20 -17.87 -37.03
N ASP C 136 -6.24 -18.41 -37.65
CA ASP C 136 -7.48 -17.68 -37.88
C ASP C 136 -8.63 -18.72 -37.89
N SER C 137 -9.39 -18.76 -36.79
CA SER C 137 -10.47 -19.71 -36.62
C SER C 137 -11.78 -19.02 -36.27
N LYS C 138 -12.79 -19.81 -35.90
CA LYS C 138 -14.11 -19.29 -35.54
C LYS C 138 -14.53 -19.78 -34.19
N PHE C 139 -15.41 -19.01 -33.56
CA PHE C 139 -16.00 -19.35 -32.25
C PHE C 139 -17.51 -19.11 -32.31
N LYS C 140 -18.29 -20.12 -31.95
CA LYS C 140 -19.74 -20.04 -32.01
C LYS C 140 -20.36 -19.62 -30.68
N ILE C 141 -21.17 -18.58 -30.73
CA ILE C 141 -21.86 -18.03 -29.59
C ILE C 141 -23.33 -18.38 -29.75
N THR C 142 -23.91 -19.07 -28.77
CA THR C 142 -25.32 -19.49 -28.85
C THR C 142 -26.22 -18.86 -27.78
N LYS C 143 -25.66 -17.90 -27.03
CA LYS C 143 -26.40 -17.22 -25.97
C LYS C 143 -26.38 -15.70 -26.08
N GLU C 144 -27.55 -15.13 -25.88
CA GLU C 144 -27.78 -13.68 -25.90
C GLU C 144 -27.10 -12.96 -24.75
N GLU C 145 -27.12 -13.59 -23.57
CA GLU C 145 -26.43 -13.08 -22.41
C GLU C 145 -25.50 -14.19 -21.98
N ILE C 146 -24.21 -13.88 -21.88
CA ILE C 146 -23.22 -14.88 -21.57
C ILE C 146 -22.24 -14.43 -20.46
N SER C 147 -21.99 -15.34 -19.50
CA SER C 147 -21.08 -15.05 -18.40
C SER C 147 -19.64 -15.04 -18.86
N LEU C 148 -18.81 -14.25 -18.19
CA LEU C 148 -17.39 -14.27 -18.47
C LEU C 148 -16.82 -15.63 -18.11
N LYS C 149 -17.38 -16.32 -17.09
CA LYS C 149 -16.95 -17.69 -16.80
C LYS C 149 -16.99 -18.58 -18.05
N GLU C 150 -18.12 -18.57 -18.74
CA GLU C 150 -18.31 -19.42 -19.92
C GLU C 150 -17.40 -19.01 -21.05
N LEU C 151 -17.36 -17.72 -21.34
CA LEU C 151 -16.50 -17.25 -22.42
C LEU C 151 -15.05 -17.62 -22.20
N ASP C 152 -14.56 -17.32 -21.01
CA ASP C 152 -13.21 -17.63 -20.63
C ASP C 152 -12.93 -19.14 -20.72
N PHE C 153 -13.83 -19.96 -20.19
CA PHE C 153 -13.60 -21.38 -20.14
C PHE C 153 -13.55 -22.00 -21.55
N LYS C 154 -14.52 -21.65 -22.38
CA LYS C 154 -14.60 -22.17 -23.75
C LYS C 154 -13.48 -21.70 -24.64
N LEU C 155 -13.08 -20.45 -24.48
CA LEU C 155 -11.98 -19.91 -25.28
C LEU C 155 -10.65 -20.53 -24.89
N ARG C 156 -10.43 -20.71 -23.59
CA ARG C 156 -9.20 -21.36 -23.19
C ARG C 156 -9.18 -22.81 -23.61
N LYS C 157 -10.34 -23.47 -23.57
CA LYS C 157 -10.43 -24.84 -24.03
C LYS C 157 -10.04 -24.95 -25.51
N LYS C 158 -10.52 -24.02 -26.32
CA LYS C 158 -10.18 -23.97 -27.75
C LYS C 158 -8.65 -23.85 -27.94
N LEU C 159 -8.02 -23.01 -27.13
CA LEU C 159 -6.55 -22.80 -27.21
C LEU C 159 -5.78 -24.01 -26.68
N MET C 160 -6.36 -24.69 -25.68
CA MET C 160 -5.73 -25.92 -25.23
C MET C 160 -5.75 -26.97 -26.32
N GLU C 161 -6.84 -27.07 -27.04
CA GLU C 161 -6.94 -28.04 -28.11
C GLU C 161 -6.12 -27.68 -29.33
N GLU C 162 -6.14 -26.41 -29.71
CA GLU C 162 -5.52 -25.97 -30.97
C GLU C 162 -4.17 -25.24 -30.88
N GLU C 163 -3.82 -24.69 -29.73
CA GLU C 163 -2.61 -23.87 -29.65
C GLU C 163 -1.66 -24.26 -28.53
N LYS C 164 -1.82 -25.48 -28.04
CA LYS C 164 -0.99 -26.02 -26.98
C LYS C 164 -1.02 -25.23 -25.67
N LEU C 165 -2.07 -24.48 -25.40
CA LEU C 165 -2.15 -23.75 -24.14
C LEU C 165 -2.13 -24.75 -23.00
N TYR C 166 -1.29 -24.46 -22.01
CA TYR C 166 -1.08 -25.30 -20.84
C TYR C 166 -0.60 -26.70 -21.19
N GLY C 167 -0.06 -26.87 -22.40
CA GLY C 167 0.45 -28.19 -22.84
C GLY C 167 1.84 -28.47 -22.27
N ALA C 168 2.50 -27.40 -21.82
CA ALA C 168 3.79 -27.47 -21.16
C ALA C 168 3.74 -26.41 -20.06
N VAL C 169 4.59 -26.56 -19.07
CA VAL C 169 4.53 -25.64 -17.95
C VAL C 169 4.75 -24.20 -18.40
N ASN C 170 5.54 -24.00 -19.44
CA ASN C 170 5.84 -22.66 -19.96
C ASN C 170 4.87 -22.15 -21.06
N ASN C 171 3.78 -22.87 -21.34
CA ASN C 171 2.77 -22.44 -22.34
C ASN C 171 1.61 -21.83 -21.55
N ARG C 172 1.83 -20.65 -20.97
N ARG C 172 1.87 -20.69 -20.93
CA ARG C 172 0.83 -20.05 -20.13
CA ARG C 172 0.93 -20.01 -20.06
C ARG C 172 0.74 -18.52 -20.19
C ARG C 172 0.65 -18.56 -20.37
N LYS C 173 1.63 -17.86 -20.93
CA LYS C 173 1.56 -16.40 -21.07
C LYS C 173 0.78 -15.90 -22.29
N GLY C 174 -0.01 -14.87 -22.10
CA GLY C 174 -0.76 -14.26 -23.17
C GLY C 174 -2.09 -13.74 -22.71
N LYS C 175 -2.93 -13.38 -23.66
CA LYS C 175 -4.25 -12.84 -23.32
C LYS C 175 -5.24 -13.08 -24.42
N ILE C 176 -6.49 -13.08 -24.00
CA ILE C 176 -7.64 -13.20 -24.86
C ILE C 176 -8.42 -11.88 -24.69
N VAL C 177 -8.75 -11.22 -25.78
CA VAL C 177 -9.56 -10.02 -25.71
C VAL C 177 -10.84 -10.24 -26.47
N VAL C 178 -11.96 -10.11 -25.79
CA VAL C 178 -13.25 -10.16 -26.42
C VAL C 178 -13.62 -8.72 -26.79
N LYS C 179 -13.73 -8.43 -28.08
CA LYS C 179 -14.04 -7.06 -28.51
C LYS C 179 -15.50 -6.95 -28.93
N MET C 180 -16.17 -5.91 -28.45
CA MET C 180 -17.61 -5.69 -28.76
C MET C 180 -17.83 -4.81 -30.00
N GLU C 181 -19.08 -4.81 -30.50
CA GLU C 181 -19.46 -4.01 -31.67
C GLU C 181 -19.18 -2.53 -31.54
N ASP C 182 -19.20 -2.03 -30.31
CA ASP C 182 -18.94 -0.61 -30.02
C ASP C 182 -17.52 -0.32 -29.51
N ASP C 183 -16.62 -1.27 -29.71
CA ASP C 183 -15.21 -1.18 -29.30
C ASP C 183 -14.89 -1.35 -27.79
N LYS C 184 -15.89 -1.59 -26.96
N LYS C 184 -15.89 -1.61 -26.97
CA LYS C 184 -15.65 -1.97 -25.57
CA LYS C 184 -15.65 -1.95 -25.58
C LYS C 184 -14.99 -3.34 -25.63
C LYS C 184 -15.02 -3.35 -25.61
N PHE C 185 -14.31 -3.74 -24.56
CA PHE C 185 -13.65 -5.01 -24.58
C PHE C 185 -13.50 -5.62 -23.21
N TYR C 186 -13.20 -6.90 -23.18
CA TYR C 186 -13.01 -7.67 -21.95
C TYR C 186 -11.76 -8.55 -22.13
N THR C 187 -10.88 -8.57 -21.14
CA THR C 187 -9.59 -9.27 -21.21
C THR C 187 -9.42 -10.39 -20.20
N PHE C 188 -8.90 -11.53 -20.67
CA PHE C 188 -8.59 -12.68 -19.84
C PHE C 188 -7.09 -12.93 -19.95
N GLU C 189 -6.34 -12.78 -18.86
CA GLU C 189 -4.90 -13.01 -18.88
C GLU C 189 -4.71 -14.51 -18.69
N LEU C 190 -3.92 -15.12 -19.57
CA LEU C 190 -3.77 -16.58 -19.56
C LEU C 190 -2.92 -17.14 -18.46
N THR C 191 -2.11 -16.30 -17.87
CA THR C 191 -1.23 -16.75 -16.80
C THR C 191 -1.91 -16.98 -15.44
N LYS C 192 -3.19 -16.63 -15.33
CA LYS C 192 -3.91 -16.92 -14.10
C LYS C 192 -5.36 -17.25 -14.37
N LYS C 193 -5.98 -17.88 -13.38
CA LYS C 193 -7.37 -18.23 -13.49
C LYS C 193 -8.21 -16.95 -13.51
N LEU C 194 -9.30 -16.97 -14.23
CA LEU C 194 -10.22 -15.85 -14.20
C LEU C 194 -10.58 -15.60 -12.73
N GLN C 195 -10.48 -14.34 -12.28
CA GLN C 195 -10.73 -14.02 -10.89
C GLN C 195 -12.18 -14.41 -10.48
N PRO C 196 -12.37 -14.91 -9.25
CA PRO C 196 -13.71 -15.37 -8.87
C PRO C 196 -14.82 -14.28 -8.97
N HIS C 197 -14.47 -13.04 -8.67
CA HIS C 197 -15.44 -11.95 -8.74
C HIS C 197 -15.85 -11.60 -10.15
N ARG C 198 -15.12 -12.05 -11.15
CA ARG C 198 -15.51 -11.82 -12.55
C ARG C 198 -16.31 -12.97 -13.18
N MET C 199 -16.35 -14.13 -12.51
N MET C 199 -16.37 -14.14 -12.52
CA MET C 199 -17.04 -15.32 -13.00
CA MET C 199 -17.04 -15.29 -13.10
C MET C 199 -18.49 -15.03 -13.34
C MET C 199 -18.54 -15.13 -13.27
N GLY C 200 -19.12 -14.22 -12.50
CA GLY C 200 -20.52 -13.87 -12.64
C GLY C 200 -20.84 -12.64 -13.47
N ASP C 201 -19.82 -11.97 -14.02
CA ASP C 201 -20.08 -10.82 -14.88
C ASP C 201 -20.67 -11.34 -16.18
N THR C 202 -21.60 -10.59 -16.77
CA THR C 202 -22.19 -11.04 -18.04
C THR C 202 -22.07 -9.97 -19.10
N ILE C 203 -22.04 -10.38 -20.37
CA ILE C 203 -22.03 -9.42 -21.45
C ILE C 203 -23.07 -9.86 -22.49
N ASP C 204 -23.36 -8.97 -23.41
CA ASP C 204 -24.34 -9.19 -24.47
C ASP C 204 -23.65 -9.96 -25.59
N GLY C 205 -23.94 -11.24 -25.65
CA GLY C 205 -23.34 -12.09 -26.66
C GLY C 205 -23.71 -11.66 -28.07
N THR C 206 -24.88 -11.05 -28.24
CA THR C 206 -25.30 -10.59 -29.58
C THR C 206 -24.40 -9.45 -30.07
N LYS C 207 -23.65 -8.82 -29.17
CA LYS C 207 -22.81 -7.67 -29.57
C LYS C 207 -21.32 -7.95 -29.62
N ILE C 208 -20.91 -9.20 -29.43
CA ILE C 208 -19.50 -9.54 -29.53
C ILE C 208 -19.11 -9.40 -30.99
N LYS C 209 -18.05 -8.65 -31.26
CA LYS C 209 -17.64 -8.46 -32.64
C LYS C 209 -16.58 -9.46 -33.08
N GLU C 210 -15.54 -9.62 -32.27
CA GLU C 210 -14.45 -10.52 -32.64
C GLU C 210 -13.65 -10.85 -31.41
N ILE C 211 -12.74 -11.81 -31.53
CA ILE C 211 -11.87 -12.26 -30.45
C ILE C 211 -10.42 -12.25 -30.87
N ASN C 212 -9.59 -11.54 -30.12
CA ASN C 212 -8.17 -11.43 -30.45
C ASN C 212 -7.33 -12.07 -29.36
N VAL C 213 -6.48 -12.99 -29.76
CA VAL C 213 -5.68 -13.76 -28.83
C VAL C 213 -4.20 -13.50 -29.14
N GLU C 214 -3.44 -13.18 -28.12
CA GLU C 214 -2.02 -12.96 -28.23
C GLU C 214 -1.31 -13.97 -27.30
N LEU C 215 -0.53 -14.88 -27.90
CA LEU C 215 0.14 -15.94 -27.15
C LEU C 215 1.61 -15.60 -27.02
N GLU C 216 2.15 -15.70 -25.81
CA GLU C 216 3.55 -15.36 -25.58
C GLU C 216 4.37 -16.56 -25.15
N TYR C 217 4.27 -17.62 -25.90
CA TYR C 217 5.06 -18.82 -25.66
C TYR C 217 5.13 -19.48 -27.01
N LYS C 218 6.23 -20.17 -27.29
CA LYS C 218 6.43 -20.78 -28.62
C LYS C 218 6.29 -22.31 -28.60
N ASN D 26 -25.12 -2.04 0.40
CA ASN D 26 -23.85 -2.65 0.86
C ASN D 26 -23.69 -2.58 2.39
N TYR D 27 -24.22 -1.52 2.99
CA TYR D 27 -24.18 -1.30 4.45
C TYR D 27 -24.78 -2.44 5.25
N LYS D 28 -25.76 -3.12 4.68
CA LYS D 28 -26.41 -4.25 5.33
C LYS D 28 -25.47 -5.43 5.53
N SER D 29 -24.77 -5.83 4.46
CA SER D 29 -23.84 -6.97 4.51
C SER D 29 -22.63 -6.70 5.40
N LEU D 30 -22.18 -5.44 5.47
CA LEU D 30 -21.07 -5.05 6.35
C LEU D 30 -21.43 -5.32 7.80
N LYS D 31 -22.53 -4.71 8.19
CA LYS D 31 -23.03 -4.75 9.55
C LYS D 31 -23.22 -6.19 10.01
N TYR D 32 -23.68 -7.04 9.09
CA TYR D 32 -23.97 -8.41 9.45
C TYR D 32 -22.73 -9.23 9.73
N TYR D 33 -21.74 -9.21 8.83
CA TYR D 33 -20.49 -9.93 9.05
C TYR D 33 -19.83 -9.41 10.32
N TYR D 34 -19.60 -8.10 10.43
CA TYR D 34 -18.88 -7.60 11.60
C TYR D 34 -19.65 -7.71 12.93
N SER D 35 -20.94 -8.07 12.84
CA SER D 35 -21.74 -8.31 14.02
C SER D 35 -21.63 -9.73 14.54
N LYS D 36 -21.12 -10.64 13.74
CA LYS D 36 -21.03 -12.05 14.15
C LYS D 36 -20.07 -12.28 15.28
N PRO D 37 -20.29 -13.37 16.03
CA PRO D 37 -19.34 -13.74 17.04
C PRO D 37 -18.15 -14.45 16.34
N SER D 38 -16.99 -14.42 16.96
CA SER D 38 -15.85 -15.08 16.41
C SER D 38 -15.54 -16.22 17.35
N ILE D 39 -14.73 -17.15 16.87
CA ILE D 39 -14.26 -18.27 17.66
C ILE D 39 -12.74 -18.24 17.52
N GLU D 40 -12.02 -18.06 18.63
CA GLU D 40 -10.55 -18.05 18.62
C GLU D 40 -10.02 -19.40 19.11
N LEU D 41 -9.43 -20.16 18.19
CA LEU D 41 -8.85 -21.47 18.54
C LEU D 41 -7.31 -21.39 18.55
N LYS D 42 -6.73 -21.41 19.73
CA LYS D 42 -5.29 -21.33 19.88
C LYS D 42 -4.72 -22.74 19.97
N ASN D 43 -3.68 -23.00 19.20
CA ASN D 43 -3.03 -24.31 19.13
C ASN D 43 -4.03 -25.44 18.77
N LEU D 44 -4.38 -25.49 17.49
CA LEU D 44 -5.29 -26.49 16.96
C LEU D 44 -4.79 -27.89 17.28
N ASP D 45 -5.70 -28.78 17.60
CA ASP D 45 -5.33 -30.16 17.81
C ASP D 45 -4.87 -30.70 16.46
N GLY D 46 -5.52 -30.25 15.39
CA GLY D 46 -5.14 -30.69 14.07
C GLY D 46 -5.56 -29.77 12.96
N LEU D 47 -4.82 -29.87 11.86
CA LEU D 47 -5.10 -29.12 10.63
C LEU D 47 -4.67 -30.09 9.52
N TYR D 48 -5.55 -30.37 8.57
CA TYR D 48 -5.26 -31.35 7.52
C TYR D 48 -5.78 -30.92 6.16
N ARG D 49 -4.88 -30.93 5.18
CA ARG D 49 -5.15 -30.63 3.78
C ARG D 49 -5.29 -32.01 3.15
N GLN D 50 -6.51 -32.43 2.94
CA GLN D 50 -6.78 -33.77 2.39
C GLN D 50 -6.22 -33.97 0.99
N LYS D 51 -6.45 -32.99 0.14
CA LYS D 51 -5.91 -33.03 -1.20
C LYS D 51 -5.63 -31.63 -1.71
N VAL D 52 -4.68 -31.51 -2.63
CA VAL D 52 -4.30 -30.20 -3.18
C VAL D 52 -5.38 -29.59 -4.08
N THR D 53 -6.39 -30.37 -4.45
CA THR D 53 -7.51 -29.83 -5.23
C THR D 53 -8.58 -29.20 -4.30
N ASP D 54 -8.46 -29.41 -2.98
CA ASP D 54 -9.33 -28.78 -1.99
C ASP D 54 -8.88 -27.34 -1.75
N LYS D 55 -9.82 -26.40 -1.80
CA LYS D 55 -9.48 -24.99 -1.50
C LYS D 55 -9.72 -24.71 -0.02
N GLY D 56 -9.18 -25.56 0.82
CA GLY D 56 -9.33 -25.40 2.24
C GLY D 56 -8.73 -26.56 3.00
N VAL D 57 -8.83 -26.47 4.32
CA VAL D 57 -8.27 -27.47 5.23
C VAL D 57 -9.23 -27.74 6.36
N TYR D 58 -9.15 -28.96 6.88
CA TYR D 58 -9.93 -29.35 8.03
C TYR D 58 -9.11 -29.02 9.25
N VAL D 59 -9.77 -28.41 10.24
CA VAL D 59 -9.12 -28.07 11.48
C VAL D 59 -9.99 -28.56 12.63
N TRP D 60 -9.37 -28.96 13.72
CA TRP D 60 -10.15 -29.39 14.88
C TRP D 60 -9.41 -29.10 16.17
N LYS D 61 -10.19 -28.89 17.23
CA LYS D 61 -9.68 -28.69 18.57
C LYS D 61 -10.81 -29.12 19.51
N ASP D 62 -10.47 -29.93 20.51
CA ASP D 62 -11.42 -30.36 21.53
C ASP D 62 -12.78 -30.85 20.99
N ARG D 63 -12.75 -31.81 20.08
CA ARG D 63 -13.99 -32.42 19.56
C ARG D 63 -14.89 -31.51 18.71
N LYS D 64 -14.38 -30.36 18.28
CA LYS D 64 -15.12 -29.50 17.38
C LYS D 64 -14.26 -29.36 16.14
N ASP D 65 -14.88 -29.49 14.98
CA ASP D 65 -14.14 -29.42 13.74
C ASP D 65 -14.81 -28.46 12.78
N TYR D 66 -14.02 -28.00 11.80
CA TYR D 66 -14.45 -27.03 10.83
C TYR D 66 -13.68 -27.22 9.57
N PHE D 67 -14.16 -26.58 8.51
CA PHE D 67 -13.45 -26.51 7.25
C PHE D 67 -13.15 -25.04 7.05
N VAL D 68 -11.86 -24.72 6.86
CA VAL D 68 -11.42 -23.36 6.68
C VAL D 68 -10.98 -23.16 5.25
N GLY D 69 -11.64 -22.25 4.57
CA GLY D 69 -11.33 -21.98 3.16
C GLY D 69 -9.99 -21.27 2.99
N LEU D 70 -9.20 -21.70 1.99
CA LEU D 70 -7.92 -21.11 1.62
C LEU D 70 -8.13 -20.47 0.24
N LEU D 71 -8.41 -19.18 0.26
CA LEU D 71 -8.80 -18.41 -0.91
C LEU D 71 -7.79 -17.41 -1.47
N GLY D 72 -6.60 -17.36 -0.88
CA GLY D 72 -5.57 -16.43 -1.32
C GLY D 72 -4.25 -17.18 -1.31
N LYS D 73 -3.17 -16.45 -1.07
CA LYS D 73 -1.83 -17.05 -1.04
C LYS D 73 -1.67 -18.03 0.12
N ASP D 74 -2.53 -17.95 1.13
CA ASP D 74 -2.50 -18.87 2.25
C ASP D 74 -2.53 -20.33 1.80
N ILE D 75 -3.11 -20.57 0.65
CA ILE D 75 -3.22 -21.93 0.16
C ILE D 75 -1.86 -22.61 -0.01
N GLU D 76 -0.83 -21.85 -0.34
N GLU D 76 -0.84 -21.82 -0.31
CA GLU D 76 0.49 -22.46 -0.52
CA GLU D 76 0.50 -22.35 -0.49
C GLU D 76 1.18 -22.80 0.82
C GLU D 76 1.16 -22.80 0.82
N LYS D 77 0.67 -22.26 1.93
CA LYS D 77 1.23 -22.60 3.26
C LYS D 77 0.81 -23.97 3.77
N TYR D 78 -0.19 -24.58 3.16
CA TYR D 78 -0.67 -25.87 3.61
C TYR D 78 -0.75 -26.97 2.53
N PRO D 79 0.42 -27.51 2.10
CA PRO D 79 0.38 -28.61 1.13
C PRO D 79 -0.26 -29.86 1.74
N GLN D 80 -0.56 -30.87 0.93
CA GLN D 80 -1.24 -32.07 1.40
C GLN D 80 -0.64 -32.66 2.68
N GLY D 81 -1.53 -33.01 3.61
CA GLY D 81 -1.11 -33.62 4.88
C GLY D 81 -1.48 -32.84 6.12
N GLU D 82 -0.94 -33.29 7.25
CA GLU D 82 -1.22 -32.62 8.51
C GLU D 82 -0.22 -31.51 8.80
N HIS D 83 -0.67 -30.56 9.62
CA HIS D 83 0.14 -29.44 10.05
C HIS D 83 -0.16 -29.16 11.53
N ASP D 84 0.85 -28.82 12.30
N ASP D 84 0.86 -28.81 12.29
CA ASP D 84 0.63 -28.51 13.72
CA ASP D 84 0.70 -28.55 13.72
C ASP D 84 1.15 -27.13 14.06
C ASP D 84 1.12 -27.12 14.03
N LYS D 85 0.87 -26.71 15.28
CA LYS D 85 1.23 -25.41 15.80
C LYS D 85 0.60 -24.27 15.06
N GLN D 86 -0.68 -24.42 14.73
CA GLN D 86 -1.43 -23.37 14.05
C GLN D 86 -2.58 -22.93 14.93
N ASP D 87 -2.99 -21.68 14.75
CA ASP D 87 -4.14 -21.10 15.42
C ASP D 87 -5.21 -20.81 14.37
N ALA D 88 -6.49 -20.75 14.77
CA ALA D 88 -7.54 -20.38 13.83
C ALA D 88 -8.46 -19.32 14.43
N PHE D 89 -8.70 -18.27 13.66
CA PHE D 89 -9.66 -17.24 14.01
C PHE D 89 -10.85 -17.48 13.07
N LEU D 90 -11.95 -17.96 13.62
CA LEU D 90 -13.10 -18.33 12.84
C LEU D 90 -14.27 -17.37 12.98
N VAL D 91 -14.96 -17.15 11.86
CA VAL D 91 -16.21 -16.38 11.83
C VAL D 91 -17.03 -17.24 10.94
N ILE D 92 -18.03 -17.89 11.52
CA ILE D 92 -18.78 -18.90 10.78
C ILE D 92 -19.69 -18.35 9.72
N GLU D 93 -19.52 -18.89 8.51
CA GLU D 93 -20.28 -18.48 7.32
C GLU D 93 -21.66 -19.17 7.32
N GLU D 94 -22.57 -18.69 6.49
CA GLU D 94 -23.90 -19.33 6.40
C GLU D 94 -23.85 -20.65 5.66
N GLU D 95 -22.87 -20.81 4.77
CA GLU D 95 -22.71 -22.05 4.00
C GLU D 95 -22.04 -23.16 4.81
N THR D 96 -22.51 -24.37 4.66
CA THR D 96 -21.78 -25.48 5.24
C THR D 96 -20.88 -25.95 4.11
N VAL D 97 -19.68 -26.39 4.44
CA VAL D 97 -18.77 -26.82 3.39
C VAL D 97 -18.17 -28.14 3.83
N ASN D 98 -18.20 -29.10 2.92
CA ASN D 98 -17.72 -30.45 3.14
C ASN D 98 -18.32 -31.02 4.42
N GLY D 99 -19.59 -30.69 4.64
CA GLY D 99 -20.37 -31.17 5.80
C GLY D 99 -19.92 -30.59 7.12
N ARG D 100 -19.23 -29.46 7.08
CA ARG D 100 -18.69 -28.81 8.26
C ARG D 100 -19.11 -27.35 8.27
N GLN D 101 -19.10 -26.75 9.46
CA GLN D 101 -19.25 -25.32 9.57
C GLN D 101 -17.99 -24.77 8.89
N TYR D 102 -18.14 -23.66 8.20
CA TYR D 102 -17.10 -23.08 7.40
C TYR D 102 -16.70 -21.68 7.83
N SER D 103 -15.44 -21.38 7.63
CA SER D 103 -14.89 -20.03 7.87
C SER D 103 -13.81 -19.80 6.81
N ILE D 104 -13.53 -18.55 6.47
CA ILE D 104 -12.57 -18.22 5.42
C ILE D 104 -11.30 -17.57 5.95
N GLY D 105 -10.16 -18.19 5.65
CA GLY D 105 -8.85 -17.69 6.06
C GLY D 105 -8.67 -17.74 7.56
N GLY D 106 -7.91 -16.78 8.09
CA GLY D 106 -7.76 -16.69 9.53
C GLY D 106 -6.85 -17.66 10.23
N LEU D 107 -6.02 -18.36 9.49
CA LEU D 107 -5.07 -19.28 10.09
C LEU D 107 -3.74 -18.58 10.30
N SER D 108 -3.03 -18.98 11.34
CA SER D 108 -1.72 -18.40 11.58
C SER D 108 -0.89 -19.32 12.45
N LYS D 109 0.40 -19.07 12.51
CA LYS D 109 1.27 -19.83 13.37
C LYS D 109 0.96 -19.49 14.82
N THR D 110 0.96 -20.50 15.69
CA THR D 110 0.67 -20.27 17.09
C THR D 110 1.90 -19.61 17.75
N ASN D 111 1.71 -18.84 18.84
CA ASN D 111 2.87 -18.20 19.50
C ASN D 111 3.94 -19.20 19.97
N SER D 112 5.21 -18.81 19.82
CA SER D 112 6.35 -19.60 20.32
C SER D 112 6.65 -19.22 21.77
N LYS D 113 6.16 -18.05 22.19
CA LYS D 113 6.31 -17.60 23.56
C LYS D 113 5.22 -16.59 23.85
N GLU D 114 5.08 -16.26 25.12
CA GLU D 114 4.11 -15.28 25.52
C GLU D 114 4.52 -13.93 24.96
N PHE D 115 3.56 -13.27 24.31
CA PHE D 115 3.77 -11.96 23.71
C PHE D 115 2.53 -11.07 23.83
N SER D 116 2.76 -9.79 24.08
CA SER D 116 1.70 -8.79 24.10
C SER D 116 2.32 -7.42 23.88
N LYS D 117 1.61 -6.59 23.12
CA LYS D 117 2.06 -5.27 22.78
C LYS D 117 0.82 -4.41 22.76
N GLU D 118 0.83 -3.31 23.52
CA GLU D 118 -0.32 -2.43 23.55
C GLU D 118 0.02 -1.38 22.52
N VAL D 119 -0.75 -1.32 21.44
CA VAL D 119 -0.43 -0.36 20.40
C VAL D 119 -1.38 0.85 20.42
N ASP D 120 -0.84 2.01 20.09
CA ASP D 120 -1.65 3.23 20.02
C ASP D 120 -2.57 3.16 18.81
N VAL D 121 -3.83 3.52 19.03
CA VAL D 121 -4.83 3.61 17.99
C VAL D 121 -5.24 5.07 17.94
N LYS D 122 -4.88 5.74 16.85
N LYS D 122 -4.87 5.73 16.86
CA LYS D 122 -5.21 7.13 16.66
CA LYS D 122 -5.23 7.10 16.62
C LYS D 122 -6.45 7.18 15.76
C LYS D 122 -6.48 7.12 15.77
N VAL D 123 -7.54 7.73 16.30
CA VAL D 123 -8.80 7.83 15.59
C VAL D 123 -9.10 9.29 15.28
N THR D 124 -9.21 9.63 14.01
CA THR D 124 -9.56 10.96 13.56
C THR D 124 -10.99 10.90 13.10
N ARG D 125 -11.88 11.69 13.70
CA ARG D 125 -13.29 11.66 13.30
C ARG D 125 -13.79 13.00 12.82
N LYS D 126 -14.59 12.94 11.76
CA LYS D 126 -15.18 14.13 11.13
C LYS D 126 -16.28 14.84 11.95
N ILE D 127 -16.25 16.16 11.94
CA ILE D 127 -17.32 16.96 12.59
C ILE D 127 -18.00 17.85 11.52
N ASP D 128 -17.21 18.46 10.64
CA ASP D 128 -17.68 19.26 9.50
C ASP D 128 -16.89 18.82 8.30
N GLU D 129 -17.15 19.42 7.13
CA GLU D 129 -16.34 19.13 5.95
C GLU D 129 -14.94 19.76 6.10
N SER D 130 -14.84 20.77 6.97
CA SER D 130 -13.57 21.48 7.18
C SER D 130 -12.94 21.29 8.57
N SER D 131 -13.27 20.21 9.27
CA SER D 131 -12.67 19.95 10.59
C SER D 131 -12.93 18.54 11.08
N GLU D 132 -12.22 18.17 12.14
CA GLU D 132 -12.30 16.82 12.70
C GLU D 132 -11.65 16.72 14.09
N LYS D 133 -12.14 15.79 14.89
CA LYS D 133 -11.65 15.54 16.24
C LYS D 133 -10.70 14.34 16.26
N SER D 134 -9.84 14.28 17.26
CA SER D 134 -8.89 13.17 17.44
C SER D 134 -9.08 12.51 18.79
N LYS D 135 -9.17 11.18 18.75
CA LYS D 135 -9.38 10.38 19.95
C LYS D 135 -8.37 9.25 19.93
N ASP D 136 -7.57 9.16 20.97
CA ASP D 136 -6.53 8.14 21.06
C ASP D 136 -6.95 7.06 22.02
N SER D 137 -6.81 5.81 21.59
CA SER D 137 -7.12 4.66 22.40
C SER D 137 -5.97 3.64 22.26
N LYS D 138 -6.21 2.42 22.76
CA LYS D 138 -5.22 1.36 22.73
C LYS D 138 -5.82 0.09 22.20
N PHE D 139 -4.96 -0.75 21.63
CA PHE D 139 -5.38 -2.03 21.10
C PHE D 139 -4.33 -3.04 21.50
N LYS D 140 -4.79 -4.14 22.10
CA LYS D 140 -3.90 -5.18 22.58
C LYS D 140 -3.67 -6.21 21.48
N ILE D 141 -2.42 -6.50 21.24
CA ILE D 141 -1.95 -7.50 20.30
C ILE D 141 -1.37 -8.59 21.19
N THR D 142 -1.75 -9.85 20.99
CA THR D 142 -1.20 -10.95 21.79
C THR D 142 -0.62 -12.07 20.93
N LYS D 143 -0.62 -11.88 19.61
CA LYS D 143 -0.08 -12.89 18.70
C LYS D 143 1.14 -12.42 17.93
N GLU D 144 2.16 -13.29 17.88
CA GLU D 144 3.40 -13.04 17.13
C GLU D 144 3.14 -12.99 15.63
N GLU D 145 2.24 -13.85 15.17
CA GLU D 145 1.78 -13.91 13.78
C GLU D 145 0.25 -13.82 13.77
N ILE D 146 -0.28 -12.82 13.08
CA ILE D 146 -1.70 -12.57 13.11
C ILE D 146 -2.29 -12.38 11.72
N SER D 147 -3.45 -13.00 11.49
CA SER D 147 -4.11 -12.92 10.21
C SER D 147 -4.78 -11.57 10.06
N LEU D 148 -4.86 -11.09 8.81
CA LEU D 148 -5.59 -9.88 8.52
C LEU D 148 -7.06 -10.07 8.89
N LYS D 149 -7.59 -11.28 8.75
CA LYS D 149 -8.99 -11.52 9.17
C LYS D 149 -9.19 -11.09 10.62
N GLU D 150 -8.29 -11.52 11.48
CA GLU D 150 -8.46 -11.24 12.91
C GLU D 150 -8.29 -9.78 13.24
N LEU D 151 -7.24 -9.17 12.71
CA LEU D 151 -7.02 -7.73 12.96
C LEU D 151 -8.19 -6.88 12.47
N ASP D 152 -8.59 -7.15 11.24
CA ASP D 152 -9.71 -6.45 10.62
C ASP D 152 -10.97 -6.59 11.45
N PHE D 153 -11.28 -7.81 11.82
CA PHE D 153 -12.50 -8.10 12.58
C PHE D 153 -12.52 -7.42 13.93
N LYS D 154 -11.45 -7.59 14.71
CA LYS D 154 -11.39 -7.00 16.02
C LYS D 154 -11.36 -5.48 16.04
N LEU D 155 -10.66 -4.88 15.05
CA LEU D 155 -10.57 -3.42 15.01
C LEU D 155 -11.90 -2.80 14.64
N ARG D 156 -12.60 -3.40 13.68
CA ARG D 156 -13.93 -2.89 13.32
C ARG D 156 -14.91 -3.07 14.46
N LYS D 157 -14.79 -4.16 15.21
CA LYS D 157 -15.68 -4.37 16.35
C LYS D 157 -15.47 -3.25 17.37
N LYS D 158 -14.21 -2.97 17.64
CA LYS D 158 -13.86 -1.87 18.54
C LYS D 158 -14.52 -0.57 18.07
N LEU D 159 -14.46 -0.29 16.76
CA LEU D 159 -15.04 0.93 16.20
C LEU D 159 -16.58 0.90 16.23
N MET D 160 -17.18 -0.27 16.10
CA MET D 160 -18.65 -0.35 16.23
C MET D 160 -19.08 -0.01 17.66
N GLU D 161 -18.27 -0.42 18.64
CA GLU D 161 -18.55 -0.20 20.06
C GLU D 161 -18.26 1.26 20.47
N GLU D 162 -17.13 1.80 20.03
CA GLU D 162 -16.69 3.12 20.50
C GLU D 162 -16.99 4.31 19.59
N GLU D 163 -17.19 4.06 18.30
CA GLU D 163 -17.39 5.16 17.36
C GLU D 163 -18.59 5.03 16.44
N LYS D 164 -19.57 4.22 16.83
CA LYS D 164 -20.81 4.00 16.06
C LYS D 164 -20.61 3.53 14.61
N LEU D 165 -19.46 2.90 14.31
CA LEU D 165 -19.25 2.35 12.99
C LEU D 165 -20.39 1.38 12.71
N TYR D 166 -21.00 1.54 11.54
CA TYR D 166 -22.15 0.76 11.09
C TYR D 166 -23.35 0.88 12.03
N GLY D 167 -23.42 1.98 12.78
CA GLY D 167 -24.53 2.25 13.69
C GLY D 167 -25.68 2.90 12.93
N ALA D 168 -25.36 3.55 11.81
CA ALA D 168 -26.34 4.21 10.96
C ALA D 168 -25.87 4.06 9.51
N VAL D 169 -26.76 4.32 8.56
CA VAL D 169 -26.46 4.13 7.12
C VAL D 169 -25.23 4.88 6.56
N ASN D 170 -24.96 6.09 7.05
CA ASN D 170 -23.78 6.86 6.58
C ASN D 170 -22.49 6.53 7.33
N ASN D 171 -22.60 5.78 8.43
CA ASN D 171 -21.46 5.45 9.28
C ASN D 171 -20.69 4.25 8.75
N ARG D 172 -20.13 4.40 7.55
CA ARG D 172 -19.40 3.31 6.90
C ARG D 172 -18.17 3.75 6.12
N LYS D 173 -17.78 5.01 6.26
CA LYS D 173 -16.69 5.56 5.48
C LYS D 173 -15.43 5.83 6.27
N GLY D 174 -14.31 5.44 5.68
CA GLY D 174 -13.02 5.65 6.27
C GLY D 174 -12.13 4.44 6.05
N LYS D 175 -11.10 4.35 6.87
CA LYS D 175 -10.15 3.26 6.73
C LYS D 175 -9.38 3.06 8.01
N ILE D 176 -8.83 1.87 8.12
CA ILE D 176 -7.96 1.52 9.22
C ILE D 176 -6.63 1.20 8.58
N VAL D 177 -5.56 1.79 9.12
CA VAL D 177 -4.22 1.48 8.62
C VAL D 177 -3.38 0.93 9.73
N VAL D 178 -2.88 -0.27 9.49
CA VAL D 178 -2.00 -0.94 10.44
C VAL D 178 -0.58 -0.61 9.99
N LYS D 179 0.12 0.19 10.77
CA LYS D 179 1.48 0.61 10.43
C LYS D 179 2.52 -0.24 11.12
N MET D 180 3.48 -0.72 10.35
CA MET D 180 4.57 -1.55 10.91
C MET D 180 5.75 -0.66 11.31
N GLU D 181 6.74 -1.26 11.96
CA GLU D 181 7.95 -0.52 12.37
C GLU D 181 8.72 0.03 11.16
N ASP D 182 8.66 -0.68 10.04
CA ASP D 182 9.33 -0.21 8.81
C ASP D 182 8.31 0.46 7.86
N ASP D 183 8.56 0.50 6.56
CA ASP D 183 7.58 1.15 5.66
C ASP D 183 6.34 0.31 5.37
N LYS D 184 6.30 -0.94 5.81
CA LYS D 184 5.13 -1.78 5.54
C LYS D 184 3.88 -1.33 6.25
N PHE D 185 2.75 -1.51 5.59
CA PHE D 185 1.49 -1.20 6.19
C PHE D 185 0.39 -2.04 5.54
N TYR D 186 -0.76 -2.08 6.20
CA TYR D 186 -1.93 -2.85 5.73
C TYR D 186 -3.18 -2.03 5.96
N THR D 187 -4.03 -1.96 4.93
CA THR D 187 -5.22 -1.10 5.00
C THR D 187 -6.52 -1.87 4.90
N PHE D 188 -7.47 -1.51 5.74
CA PHE D 188 -8.82 -2.06 5.66
C PHE D 188 -9.76 -0.89 5.40
N GLU D 189 -10.43 -0.92 4.25
N GLU D 189 -10.43 -0.91 4.26
CA GLU D 189 -11.38 0.14 3.88
CA GLU D 189 -11.38 0.14 3.88
C GLU D 189 -12.72 -0.18 4.48
C GLU D 189 -12.72 -0.18 4.51
N LEU D 190 -13.28 0.79 5.20
CA LEU D 190 -14.51 0.57 5.94
C LEU D 190 -15.79 0.50 5.10
N THR D 191 -15.77 0.91 3.83
CA THR D 191 -16.99 0.83 3.03
C THR D 191 -17.20 -0.55 2.43
N LYS D 192 -16.26 -1.48 2.62
CA LYS D 192 -16.43 -2.85 2.09
C LYS D 192 -15.93 -3.92 3.07
N LYS D 193 -16.37 -5.16 2.87
CA LYS D 193 -15.89 -6.25 3.71
C LYS D 193 -14.47 -6.58 3.27
N LEU D 194 -13.65 -7.08 4.20
CA LEU D 194 -12.30 -7.47 3.82
C LEU D 194 -12.44 -8.55 2.74
N GLN D 195 -11.68 -8.44 1.66
CA GLN D 195 -11.80 -9.42 0.55
C GLN D 195 -11.33 -10.81 0.98
N PRO D 196 -12.03 -11.84 0.52
CA PRO D 196 -11.71 -13.20 0.95
C PRO D 196 -10.23 -13.59 0.75
N HIS D 197 -9.63 -13.19 -0.37
CA HIS D 197 -8.24 -13.54 -0.67
C HIS D 197 -7.24 -12.89 0.27
N ARG D 198 -7.67 -11.87 1.02
CA ARG D 198 -6.80 -11.24 2.03
C ARG D 198 -6.98 -11.82 3.43
N MET D 199 -8.03 -12.59 3.64
CA MET D 199 -8.32 -13.09 5.00
C MET D 199 -7.26 -13.99 5.59
N GLY D 200 -6.55 -14.71 4.74
CA GLY D 200 -5.49 -15.62 5.16
C GLY D 200 -4.08 -15.02 5.13
N ASP D 201 -3.96 -13.74 4.77
CA ASP D 201 -2.66 -13.12 4.74
C ASP D 201 -2.27 -12.90 6.18
N THR D 202 -0.97 -13.01 6.51
CA THR D 202 -0.54 -12.82 7.91
C THR D 202 0.58 -11.81 8.00
N ILE D 203 0.66 -11.18 9.17
CA ILE D 203 1.68 -10.21 9.45
C ILE D 203 2.29 -10.48 10.83
N ASP D 204 3.44 -9.86 11.04
CA ASP D 204 4.23 -10.02 12.24
C ASP D 204 3.72 -9.07 13.29
N GLY D 205 2.95 -9.60 14.24
CA GLY D 205 2.37 -8.80 15.34
C GLY D 205 3.43 -8.11 16.16
N THR D 206 4.63 -8.70 16.23
CA THR D 206 5.73 -8.14 17.03
C THR D 206 6.27 -6.87 16.38
N LYS D 207 5.92 -6.64 15.11
CA LYS D 207 6.42 -5.48 14.41
C LYS D 207 5.37 -4.42 14.14
N ILE D 208 4.19 -4.57 14.73
CA ILE D 208 3.16 -3.54 14.56
C ILE D 208 3.55 -2.35 15.42
N LYS D 209 3.60 -1.18 14.79
CA LYS D 209 3.98 0.05 15.45
C LYS D 209 2.79 0.82 16.02
N GLU D 210 1.79 1.02 15.17
CA GLU D 210 0.64 1.82 15.55
C GLU D 210 -0.48 1.58 14.56
N ILE D 211 -1.68 1.99 14.95
CA ILE D 211 -2.87 1.82 14.12
C ILE D 211 -3.51 3.19 13.94
N ASN D 212 -3.76 3.59 12.70
CA ASN D 212 -4.39 4.88 12.42
C ASN D 212 -5.72 4.67 11.74
N VAL D 213 -6.73 5.33 12.28
CA VAL D 213 -8.09 5.22 11.80
C VAL D 213 -8.66 6.56 11.40
N GLU D 214 -9.23 6.62 10.20
CA GLU D 214 -9.90 7.83 9.72
C GLU D 214 -11.36 7.50 9.57
N LEU D 215 -12.22 8.21 10.30
CA LEU D 215 -13.67 8.01 10.20
C LEU D 215 -14.25 9.22 9.47
N GLU D 216 -14.80 8.96 8.30
CA GLU D 216 -15.33 10.03 7.47
C GLU D 216 -16.84 10.21 7.56
N TYR D 217 -17.38 10.10 8.77
CA TYR D 217 -18.81 10.36 9.04
C TYR D 217 -18.88 11.08 10.36
N LYS D 218 -19.85 11.97 10.52
CA LYS D 218 -19.96 12.70 11.78
C LYS D 218 -20.63 11.83 12.82
C1 NAG E . 5.32 8.73 5.59
C2 NAG E . 3.87 9.08 5.35
C3 NAG E . 3.14 7.88 4.78
C4 NAG E . 3.87 7.36 3.56
C5 NAG E . 5.35 7.10 3.90
C6 NAG E . 6.17 6.56 2.73
C7 NAG E . 2.44 10.78 6.42
C8 NAG E . 1.71 11.25 7.65
N2 NAG E . 3.13 9.63 6.50
O1 NAG E . 5.98 9.88 6.01
O3 NAG E . 1.82 8.28 4.48
O4 NAG E . 3.29 6.15 3.12
O5 NAG E . 5.93 8.29 4.39
O6 NAG E . 6.15 7.52 1.66
O7 NAG E . 2.40 11.47 5.40
C1 GAL E . 2.96 6.21 1.73
C2 GAL E . 2.75 4.76 1.32
C3 GAL E . 2.15 4.67 -0.09
C4 GAL E . 0.99 5.63 -0.22
C5 GAL E . 1.36 7.02 0.24
C6 GAL E . 0.19 7.99 0.06
O2 GAL E . 3.99 4.05 1.41
O3 GAL E . 1.74 3.33 -0.36
O4 GAL E . -0.12 5.09 0.45
O5 GAL E . 1.80 7.01 1.59
O6 GAL E . 0.60 9.28 0.49
C1 SIA E . 1.28 3.65 -2.67
C2 SIA E . 2.16 2.93 -1.66
C3 SIA E . 1.76 1.43 -1.61
C4 SIA E . 2.16 0.68 -2.87
C5 SIA E . 3.62 0.94 -3.22
C6 SIA E . 3.88 2.45 -3.25
C7 SIA E . 5.32 2.87 -3.46
C8 SIA E . 5.46 4.40 -3.29
C9 SIA E . 6.78 4.92 -3.87
C10 SIA E . 4.99 -0.47 -4.70
C11 SIA E . 5.19 -0.91 -6.11
N5 SIA E . 3.98 0.37 -4.50
O1A SIA E . 1.79 4.61 -3.27
O1B SIA E . 0.10 3.30 -2.79
O4 SIA E . 1.97 -0.74 -2.72
O6 SIA E . 3.51 3.04 -2.00
O7 SIA E . 6.18 2.25 -2.48
O8 SIA E . 4.37 5.03 -3.91
O9 SIA E . 6.96 6.29 -3.52
O10 SIA E . 5.68 -0.90 -3.78
C1 FUC E . 0.88 7.84 5.47
C2 FUC E . -0.51 8.36 5.09
C3 FUC E . -0.94 7.71 3.79
C4 FUC E . -0.98 6.21 4.03
C5 FUC E . 0.40 5.72 4.46
C6 FUC E . 0.40 4.22 4.73
O2 FUC E . -0.55 9.76 4.90
O3 FUC E . -2.21 8.19 3.42
O4 FUC E . -1.95 5.93 5.02
O5 FUC E . 0.89 6.42 5.61
C1 NAG F . 12.33 3.30 7.04
C2 NAG F . 13.52 2.46 7.42
C3 NAG F . 13.19 1.64 8.67
C4 NAG F . 12.71 2.59 9.78
C5 NAG F . 11.54 3.37 9.25
C6 NAG F . 10.88 4.28 10.28
C7 NAG F . 15.24 1.68 5.87
C8 NAG F . 15.60 0.75 4.74
N2 NAG F . 13.98 1.61 6.33
O1 NAG F . 12.67 4.15 5.96
O3 NAG F . 14.34 0.92 9.09
O4 NAG F . 12.31 1.86 10.92
O5 NAG F . 12.02 4.12 8.14
O6 NAG F . 11.80 5.23 10.74
O7 NAG F . 16.09 2.46 6.33
C1 GAL F . 12.88 2.28 12.17
C2 GAL F . 12.04 1.58 13.21
C3 GAL F . 12.64 1.72 14.61
C4 GAL F . 14.12 1.34 14.56
C5 GAL F . 14.88 2.08 13.47
C6 GAL F . 16.32 1.64 13.30
O2 GAL F . 10.75 2.10 13.21
O3 GAL F . 11.90 0.90 15.50
O4 GAL F . 14.27 -0.05 14.43
O5 GAL F . 14.23 1.86 12.22
O6 GAL F . 16.94 2.42 12.30
C1 SIA F . 13.03 1.79 17.43
C2 SIA F . 11.71 1.67 16.69
C3 SIA F . 10.81 0.66 17.45
C4 SIA F . 10.38 1.20 18.84
C5 SIA F . 9.78 2.59 18.70
C6 SIA F . 10.74 3.47 17.93
C7 SIA F . 10.24 4.88 17.60
C8 SIA F . 11.28 5.61 16.72
C9 SIA F . 11.01 7.07 16.72
C10 SIA F . 8.37 3.74 20.35
C11 SIA F . 8.31 4.38 21.72
N5 SIA F . 9.56 3.21 19.97
O1A SIA F . 13.59 2.90 17.47
O1B SIA F . 13.53 0.75 17.92
O4 SIA F . 9.45 0.34 19.52
O6 SIA F . 10.99 2.87 16.69
O7 SIA F . 9.03 4.84 16.88
O8 SIA F . 12.62 5.36 17.19
O9 SIA F . 11.81 7.66 15.68
O10 SIA F . 7.39 3.69 19.64
C1 FUC F . 14.32 -0.46 8.68
C2 FUC F . 15.71 -1.03 8.92
C3 FUC F . 16.00 -1.06 10.41
C4 FUC F . 14.92 -1.79 11.16
C5 FUC F . 13.55 -1.23 10.80
C6 FUC F . 12.39 -1.99 11.43
O2 FUC F . 16.67 -0.20 8.35
O3 FUC F . 17.20 -1.74 10.61
O4 FUC F . 15.05 -3.15 10.86
O5 FUC F . 13.39 -1.25 9.39
C1 NAG G . -8.69 -7.07 -9.17
C2 NAG G . -7.43 -7.40 -9.95
C3 NAG G . -7.29 -6.50 -11.16
C4 NAG G . -8.59 -6.52 -11.94
C5 NAG G . -9.70 -6.04 -11.00
C6 NAG G . -11.06 -5.89 -11.67
C7 NAG G . -5.53 -8.31 -8.68
C8 NAG G . -4.45 -8.02 -7.65
N2 NAG G . -6.33 -7.28 -9.01
O1 NAG G . -8.87 -8.08 -8.19
O3 NAG G . -6.20 -6.97 -11.95
O4 NAG G . -8.49 -5.62 -13.03
O5 NAG G . -9.80 -7.03 -10.01
O6 NAG G . -11.50 -7.17 -12.05
O7 NAG G . -5.62 -9.43 -9.18
C1 GAL G . -8.96 -6.19 -14.23
C2 GAL G . -9.20 -4.98 -15.16
C3 GAL G . -9.57 -5.44 -16.56
C4 GAL G . -8.51 -6.44 -17.05
C5 GAL G . -8.28 -7.58 -16.03
C6 GAL G . -7.13 -8.47 -16.38
O2 GAL G . -10.21 -4.12 -14.64
O3 GAL G . -9.63 -4.27 -17.38
O4 GAL G . -7.31 -5.73 -17.15
O5 GAL G . -7.95 -7.07 -14.75
O6 GAL G . -7.13 -9.55 -15.50
C1 SIA G . -10.62 -5.55 -19.22
C2 SIA G . -10.81 -4.45 -18.20
C3 SIA G . -10.82 -3.09 -18.94
C4 SIA G . -12.05 -2.87 -19.81
C5 SIA G . -13.32 -3.24 -19.07
C6 SIA G . -13.18 -4.64 -18.43
C7 SIA G . -14.38 -5.11 -17.61
C8 SIA G . -14.04 -6.42 -16.87
C9 SIA G . -15.29 -7.06 -16.28
C10 SIA G . -15.63 -2.60 -19.73
C11 SIA G . -16.67 -2.67 -20.79
N5 SIA G . -14.46 -3.20 -19.98
O1A SIA G . -9.73 -5.39 -20.06
O1B SIA G . -11.31 -6.62 -19.15
O4 SIA G . -12.17 -1.50 -20.26
O6 SIA G . -12.06 -4.62 -17.56
O7 SIA G . -14.77 -4.13 -16.67
O8 SIA G . -13.51 -7.34 -17.82
O9 SIA G . -14.93 -8.12 -15.37
O10 SIA G . -15.83 -2.03 -18.68
C1 FUC G . -4.99 -6.25 -11.74
C2 FUC G . -3.84 -7.00 -12.42
C3 FUC G . -4.10 -7.07 -13.91
C4 FUC G . -4.21 -5.63 -14.41
C5 FUC G . -5.31 -4.88 -13.64
C6 FUC G . -5.26 -3.39 -13.99
O2 FUC G . -3.78 -8.33 -11.93
O3 FUC G . -3.03 -7.68 -14.60
O4 FUC G . -2.94 -5.01 -14.23
O5 FUC G . -5.09 -4.95 -12.26
C1 NAG H . -8.69 -6.17 -5.69
C2 NAG H . -9.21 -4.83 -5.16
C3 NAG H . -8.05 -3.92 -4.78
C4 NAG H . -7.14 -4.73 -3.83
C5 NAG H . -6.68 -6.03 -4.52
C6 NAG H . -5.64 -6.89 -3.80
C7 NAG H . -11.20 -3.64 -6.02
C8 NAG H . -11.86 -3.08 -7.26
N2 NAG H . -10.01 -4.22 -6.22
O1 NAG H . -9.77 -7.01 -5.98
O3 NAG H . -8.57 -2.71 -4.21
O4 NAG H . -6.02 -3.95 -3.55
O5 NAG H . -7.83 -6.83 -4.78
O6 NAG H . -6.12 -7.22 -2.52
O7 NAG H . -11.77 -3.54 -4.92
C1 GAL H . -5.76 -3.85 -2.15
C2 GAL H . -4.35 -3.31 -2.05
C3 GAL H . -4.03 -2.86 -0.64
C4 GAL H . -5.16 -1.99 -0.09
C5 GAL H . -6.51 -2.65 -0.27
C6 GAL H . -7.67 -1.78 0.22
O2 GAL H . -3.42 -4.29 -2.53
O3 GAL H . -2.74 -2.21 -0.60
O4 GAL H . -5.14 -0.73 -0.79
O5 GAL H . -6.71 -2.94 -1.65
O6 GAL H . -8.85 -2.56 0.14
C1 SIA H . -2.63 -2.17 1.74
C2 SIA H . -1.96 -2.65 0.48
C3 SIA H . -0.65 -1.88 0.15
C4 SIA H . 0.53 -2.28 1.04
C5 SIA H . 0.65 -3.80 1.10
C6 SIA H . -0.69 -4.42 1.42
C7 SIA H . -0.70 -5.93 1.45
C8 SIA H . -2.14 -6.44 1.61
C9 SIA H . -2.14 -7.94 1.88
C10 SIA H . 2.66 -4.87 1.99
C11 SIA H . 3.52 -5.08 3.20
N5 SIA H . 1.59 -4.11 2.18
O1A SIA H . -2.63 -0.94 1.98
O1B SIA H . -3.22 -3.00 2.48
O4 SIA H . 1.77 -1.70 0.57
O6 SIA H . -1.70 -4.02 0.46
O7 SIA H . -0.27 -6.44 0.21
O8 SIA H . -2.78 -5.74 2.67
O9 SIA H . -3.49 -8.38 1.93
O10 SIA H . 2.93 -5.36 0.90
C1 FUC H . -8.55 -1.57 -5.11
C2 FUC H . -9.22 -0.38 -4.45
C3 FUC H . -8.40 0.11 -3.25
C4 FUC H . -6.97 0.42 -3.67
C5 FUC H . -6.40 -0.75 -4.47
C6 FUC H . -5.07 -0.38 -5.13
O2 FUC H . -10.49 -0.82 -4.04
O3 FUC H . -8.97 1.26 -2.67
O4 FUC H . -6.95 1.64 -4.40
O5 FUC H . -7.28 -1.15 -5.50
CL CL I . -7.88 1.74 -7.49
CL CL J . 0.56 11.45 -1.62
C1 PEG K . 29.19 24.38 -8.80
O1 PEG K . 29.06 25.46 -7.88
C2 PEG K . 28.51 24.81 -10.08
O2 PEG K . 28.47 23.72 -11.00
C3 PEG K . 27.29 23.74 -11.82
C4 PEG K . 27.19 25.00 -12.67
O4 PEG K . 26.25 25.94 -12.11
CL CL L . 21.03 29.94 -0.34
CL CL M . 19.09 4.53 13.09
C1 PGE N . 13.25 35.51 9.88
O1 PGE N . 13.38 36.26 8.67
C2 PGE N . 13.46 36.42 11.07
O2 PGE N . 14.81 36.31 11.53
C3 PGE N . 15.25 37.47 12.23
C4 PGE N . 16.36 37.06 13.19
O4 PGE N . 20.71 37.78 12.59
C6 PGE N . 19.78 38.44 13.47
C5 PGE N . 18.62 37.50 13.76
O3 PGE N . 17.52 37.84 12.92
CL CL O . -30.13 -27.90 -21.68
C1 PEG P . -38.63 -22.79 -3.40
O1 PEG P . -38.77 -22.66 -1.98
C2 PEG P . -38.59 -24.25 -3.79
O2 PEG P . -39.25 -24.43 -5.06
C3 PEG P . -39.01 -25.71 -5.65
C4 PEG P . -40.30 -26.49 -5.77
O4 PEG P . -40.18 -27.73 -5.06
C1 PEG Q . -33.72 -25.02 -2.05
O1 PEG Q . -34.55 -25.69 -3.01
C2 PEG Q . -33.95 -25.63 -0.69
O2 PEG Q . -32.99 -25.12 0.23
C3 PEG Q . -32.96 -25.88 1.43
C4 PEG Q . -32.30 -27.23 1.13
O4 PEG Q . -31.71 -27.79 2.29
CL CL R . -21.86 -29.61 2.90
C1 EDO S . -11.85 -35.60 6.97
O1 EDO S . -11.58 -36.10 5.66
C2 EDO S . -10.53 -35.35 7.68
O2 EDO S . -10.77 -34.87 9.00
#